data_8AHO
#
_entry.id   8AHO
#
_cell.length_a   61.250
_cell.length_b   94.261
_cell.length_c   75.667
_cell.angle_alpha   90.000
_cell.angle_beta   92.690
_cell.angle_gamma   90.000
#
_symmetry.space_group_name_H-M   'P 1 21 1'
#
loop_
_entity.id
_entity.type
_entity.pdbx_description
1 polymer 'Transpeptidase,Lipoprotein LppS'
2 non-polymer 'NITRATE ION'
3 non-polymer 'DIMETHYL SULFOXIDE'
4 non-polymer 'SODIUM ION'
5 non-polymer 'CHLORIDE ION'
6 water water
#
_entity_poly.entity_id   1
_entity_poly.type   'polypeptide(L)'
_entity_poly.pdbx_seq_one_letter_code
;QSDLLVPKLTASVTDGAVGVTVDAPVSVTAADGVLAAVTMVNDNGRPVAGRLSPDGLRWSTTEQLGYNRRYTLNATALGL
GGAATRQLTFQTSSPAHLTMPYVMPGDGEVVGVGEPVAIRFDENIADRGAAEKAIKITTNPPVEGAFYWLNNREVRWRPE
HFWKPGTAVDVAVNTYGVDLGEGMFGEDNVQTHFTIGDEVIATADDNTKILTVRVNGEVVKSMPTSMGKDSTPTANGIYI
VGSRYKHIIMDSSTYGVPVNSPNGYRTDVDWATQISYSGVFVHSAPWSVGAQGHTNTSHG(QCS)LNVSPSNAQWFYDHV
KRGDIVEVVNTVGGTLPGIDGLGDWNIPWDQWRAGNAKA
;
_entity_poly.pdbx_strand_id   A,B
#
loop_
_chem_comp.id
_chem_comp.type
_chem_comp.name
_chem_comp.formula
CL non-polymer 'CHLORIDE ION' 'Cl -1'
DMS non-polymer 'DIMETHYL SULFOXIDE' 'C2 H6 O S'
NA non-polymer 'SODIUM ION' 'Na 1'
NO3 non-polymer 'NITRATE ION' 'N O3 -1'
#
# COMPACT_ATOMS: atom_id res chain seq x y z
N VAL A 6 -23.36 -25.07 11.89
CA VAL A 6 -22.54 -25.75 10.90
C VAL A 6 -21.19 -25.05 10.77
N PRO A 7 -20.09 -25.81 10.84
CA PRO A 7 -18.77 -25.17 10.78
C PRO A 7 -18.52 -24.49 9.45
N LYS A 8 -17.84 -23.35 9.50
CA LYS A 8 -17.51 -22.56 8.32
C LYS A 8 -16.00 -22.58 8.08
N LEU A 9 -15.61 -22.59 6.80
CA LEU A 9 -14.21 -22.66 6.42
C LEU A 9 -13.83 -21.39 5.66
N THR A 10 -12.68 -20.82 6.03
CA THR A 10 -12.11 -19.66 5.37
C THR A 10 -10.68 -19.99 4.96
N ALA A 11 -10.21 -19.35 3.90
CA ALA A 11 -8.85 -19.54 3.40
C ALA A 11 -8.29 -18.20 2.94
N SER A 12 -6.96 -18.11 2.93
CA SER A 12 -6.28 -16.93 2.40
C SER A 12 -6.15 -16.95 0.89
N VAL A 13 -6.80 -17.92 0.23
CA VAL A 13 -6.84 -18.00 -1.23
C VAL A 13 -8.20 -18.55 -1.62
N THR A 14 -8.64 -18.23 -2.83
CA THR A 14 -9.92 -18.68 -3.34
C THR A 14 -9.70 -19.73 -4.43
N ASP A 15 -10.59 -20.72 -4.47
CA ASP A 15 -10.54 -21.74 -5.50
C ASP A 15 -10.51 -21.09 -6.88
N GLY A 16 -9.69 -21.64 -7.77
CA GLY A 16 -9.55 -21.12 -9.11
C GLY A 16 -8.68 -19.88 -9.23
N ALA A 17 -8.08 -19.42 -8.14
CA ALA A 17 -7.31 -18.19 -8.18
C ALA A 17 -6.03 -18.38 -8.99
N VAL A 18 -5.52 -17.27 -9.53
CA VAL A 18 -4.33 -17.26 -10.37
C VAL A 18 -3.47 -16.07 -9.97
N GLY A 19 -2.16 -16.21 -10.16
CA GLY A 19 -1.24 -15.16 -9.76
C GLY A 19 -1.17 -14.98 -8.26
N VAL A 20 -1.41 -16.04 -7.49
CA VAL A 20 -1.30 -15.96 -6.04
C VAL A 20 0.17 -15.75 -5.70
N THR A 21 0.48 -14.65 -5.04
CA THR A 21 1.85 -14.32 -4.68
C THR A 21 2.32 -15.16 -3.51
N VAL A 22 3.59 -15.53 -3.53
CA VAL A 22 4.17 -16.42 -2.53
C VAL A 22 4.93 -15.64 -1.46
N ASP A 23 4.69 -14.34 -1.34
CA ASP A 23 5.33 -13.56 -0.28
C ASP A 23 4.69 -13.82 1.08
N ALA A 24 3.51 -14.43 1.11
CA ALA A 24 2.80 -14.71 2.36
C ALA A 24 2.43 -16.18 2.42
N PRO A 25 2.28 -16.72 3.63
CA PRO A 25 1.83 -18.12 3.75
C PRO A 25 0.34 -18.25 3.48
N VAL A 26 -0.07 -19.48 3.20
CA VAL A 26 -1.47 -19.81 2.94
C VAL A 26 -2.08 -20.35 4.22
N SER A 27 -3.20 -19.77 4.63
CA SER A 27 -3.84 -20.12 5.90
C SER A 27 -5.25 -20.64 5.65
N VAL A 28 -5.80 -21.29 6.67
CA VAL A 28 -7.16 -21.82 6.65
C VAL A 28 -7.72 -21.70 8.06
N THR A 29 -8.94 -21.17 8.17
CA THR A 29 -9.54 -20.89 9.46
C THR A 29 -10.89 -21.57 9.55
N ALA A 30 -11.14 -22.24 10.66
CA ALA A 30 -12.43 -22.87 10.94
C ALA A 30 -13.20 -22.04 11.95
N ALA A 31 -14.46 -21.76 11.64
CA ALA A 31 -15.36 -21.02 12.53
C ALA A 31 -16.51 -21.94 12.92
N ASP A 32 -16.91 -21.85 14.19
CA ASP A 32 -17.97 -22.71 14.73
C ASP A 32 -17.58 -24.18 14.59
N GLY A 33 -16.36 -24.50 14.99
CA GLY A 33 -15.84 -25.84 14.85
C GLY A 33 -14.33 -25.84 14.93
N VAL A 34 -13.76 -26.99 14.58
CA VAL A 34 -12.31 -27.19 14.61
C VAL A 34 -11.88 -27.86 13.32
N LEU A 35 -10.61 -27.65 12.96
CA LEU A 35 -10.04 -28.25 11.77
C LEU A 35 -9.60 -29.68 12.07
N ALA A 36 -10.23 -30.65 11.41
CA ALA A 36 -9.89 -32.05 11.61
C ALA A 36 -8.76 -32.51 10.70
N ALA A 37 -8.62 -31.91 9.52
CA ALA A 37 -7.62 -32.33 8.56
C ALA A 37 -7.38 -31.19 7.58
N VAL A 38 -6.11 -30.93 7.29
CA VAL A 38 -5.72 -29.97 6.27
C VAL A 38 -4.51 -30.50 5.54
N THR A 39 -4.58 -30.58 4.22
CA THR A 39 -3.48 -31.01 3.39
C THR A 39 -3.35 -30.11 2.19
N MET A 40 -2.11 -29.90 1.75
N MET A 40 -2.11 -29.83 1.79
CA MET A 40 -1.83 -29.08 0.57
CA MET A 40 -1.81 -29.10 0.56
C MET A 40 -0.68 -29.72 -0.20
C MET A 40 -0.71 -29.84 -0.17
N VAL A 41 -0.90 -30.01 -1.49
CA VAL A 41 0.09 -30.65 -2.33
C VAL A 41 0.21 -29.84 -3.62
N ASN A 42 1.36 -30.00 -4.28
CA ASN A 42 1.64 -29.30 -5.51
C ASN A 42 1.21 -30.15 -6.71
N ASP A 43 1.47 -29.63 -7.91
CA ASP A 43 1.07 -30.34 -9.13
C ASP A 43 1.66 -31.75 -9.17
N ASN A 44 2.87 -31.93 -8.65
CA ASN A 44 3.51 -33.24 -8.66
C ASN A 44 2.99 -34.18 -7.58
N GLY A 45 2.14 -33.69 -6.66
CA GLY A 45 1.67 -34.50 -5.56
C GLY A 45 2.52 -34.43 -4.31
N ARG A 46 3.52 -33.56 -4.26
CA ARG A 46 4.37 -33.46 -3.09
C ARG A 46 3.67 -32.63 -2.01
N PRO A 47 3.61 -33.11 -0.77
CA PRO A 47 2.91 -32.35 0.26
C PRO A 47 3.71 -31.13 0.70
N VAL A 48 2.97 -30.10 1.12
CA VAL A 48 3.55 -28.87 1.64
C VAL A 48 3.55 -28.93 3.15
N ALA A 49 4.60 -28.40 3.77
CA ALA A 49 4.70 -28.40 5.22
C ALA A 49 3.74 -27.37 5.81
N GLY A 50 3.06 -27.77 6.89
CA GLY A 50 2.17 -26.87 7.59
C GLY A 50 2.03 -27.30 9.03
N ARG A 51 1.52 -26.40 9.85
CA ARG A 51 1.27 -26.67 11.25
C ARG A 51 -0.11 -26.16 11.62
N LEU A 52 -0.80 -26.93 12.45
CA LEU A 52 -2.11 -26.56 12.98
C LEU A 52 -1.94 -25.96 14.36
N SER A 53 -2.76 -24.96 14.68
CA SER A 53 -2.68 -24.33 15.98
C SER A 53 -3.22 -25.26 17.07
N PRO A 54 -2.75 -25.10 18.31
CA PRO A 54 -3.27 -25.97 19.39
C PRO A 54 -4.79 -25.92 19.53
N ASP A 55 -5.40 -24.74 19.43
CA ASP A 55 -6.85 -24.65 19.53
C ASP A 55 -7.55 -25.26 18.32
N GLY A 56 -6.82 -25.60 17.26
CA GLY A 56 -7.42 -26.23 16.11
C GLY A 56 -8.18 -25.31 15.20
N LEU A 57 -8.01 -23.99 15.35
CA LEU A 57 -8.77 -23.03 14.55
C LEU A 57 -8.01 -22.56 13.31
N ARG A 58 -6.69 -22.55 13.34
CA ARG A 58 -5.89 -21.99 12.25
C ARG A 58 -4.84 -22.99 11.79
N TRP A 59 -4.69 -23.10 10.47
CA TRP A 59 -3.64 -23.89 9.85
C TRP A 59 -2.93 -23.01 8.83
N SER A 60 -1.60 -23.06 8.84
CA SER A 60 -0.82 -22.26 7.90
C SER A 60 0.35 -23.08 7.39
N THR A 61 0.70 -22.87 6.12
CA THR A 61 1.93 -23.43 5.59
C THR A 61 3.13 -22.93 6.38
N THR A 62 4.12 -23.79 6.58
CA THR A 62 5.29 -23.47 7.37
C THR A 62 6.56 -23.34 6.53
N GLU A 63 6.49 -23.60 5.23
CA GLU A 63 7.60 -23.39 4.31
C GLU A 63 7.12 -22.48 3.18
N GLN A 64 8.05 -21.73 2.60
CA GLN A 64 7.68 -20.82 1.53
C GLN A 64 7.22 -21.61 0.31
N LEU A 65 6.27 -21.05 -0.42
CA LEU A 65 5.71 -21.70 -1.59
C LEU A 65 6.55 -21.37 -2.82
N GLY A 66 6.28 -22.10 -3.91
CA GLY A 66 7.07 -22.00 -5.11
C GLY A 66 6.42 -21.24 -6.25
N TYR A 67 7.23 -20.68 -7.14
CA TYR A 67 6.73 -20.02 -8.32
C TYR A 67 6.23 -21.03 -9.34
N ASN A 68 5.34 -20.58 -10.22
CA ASN A 68 4.86 -21.39 -11.34
C ASN A 68 4.43 -22.78 -10.87
N ARG A 69 3.75 -22.82 -9.74
CA ARG A 69 3.22 -24.05 -9.18
C ARG A 69 1.70 -23.99 -9.17
N ARG A 70 1.09 -25.19 -9.10
CA ARG A 70 -0.34 -25.34 -8.90
C ARG A 70 -0.53 -26.15 -7.62
N TYR A 71 -1.27 -25.59 -6.67
CA TYR A 71 -1.45 -26.21 -5.36
C TYR A 71 -2.91 -26.58 -5.14
N THR A 72 -3.13 -27.73 -4.50
CA THR A 72 -4.47 -28.22 -4.19
C THR A 72 -4.59 -28.35 -2.67
N LEU A 73 -5.65 -27.77 -2.12
CA LEU A 73 -5.84 -27.67 -0.67
C LEU A 73 -7.15 -28.36 -0.28
N ASN A 74 -7.05 -29.30 0.66
CA ASN A 74 -8.21 -30.00 1.19
C ASN A 74 -8.32 -29.72 2.69
N ALA A 75 -9.50 -29.27 3.12
CA ALA A 75 -9.75 -28.95 4.51
C ALA A 75 -11.05 -29.59 4.96
N THR A 76 -11.05 -30.10 6.19
CA THR A 76 -12.25 -30.66 6.81
C THR A 76 -12.46 -29.99 8.17
N ALA A 77 -13.71 -29.64 8.46
CA ALA A 77 -14.06 -28.98 9.71
C ALA A 77 -15.18 -29.75 10.38
N LEU A 78 -15.00 -30.03 11.67
CA LEU A 78 -15.97 -30.77 12.47
C LEU A 78 -16.49 -29.90 13.60
N GLY A 79 -17.64 -30.30 14.14
CA GLY A 79 -18.25 -29.58 15.25
C GLY A 79 -19.45 -30.35 15.76
N LEU A 80 -20.00 -29.84 16.87
CA LEU A 80 -21.17 -30.48 17.46
C LEU A 80 -22.33 -30.54 16.47
N GLY A 81 -22.47 -29.51 15.64
CA GLY A 81 -23.57 -29.44 14.69
C GLY A 81 -23.36 -30.31 13.47
N GLY A 82 -22.31 -30.03 12.70
CA GLY A 82 -22.12 -30.74 11.45
C GLY A 82 -20.67 -30.74 11.01
N ALA A 83 -20.47 -31.06 9.74
CA ALA A 83 -19.15 -31.17 9.13
C ALA A 83 -19.14 -30.42 7.80
N ALA A 84 -17.97 -29.86 7.47
CA ALA A 84 -17.80 -29.12 6.24
C ALA A 84 -16.44 -29.44 5.64
N THR A 85 -16.41 -29.67 4.33
CA THR A 85 -15.19 -29.98 3.61
C THR A 85 -15.12 -29.14 2.34
N ARG A 86 -13.93 -28.64 2.04
CA ARG A 86 -13.69 -27.83 0.86
C ARG A 86 -12.43 -28.31 0.16
N GLN A 87 -12.39 -28.14 -1.17
CA GLN A 87 -11.21 -28.37 -1.96
C GLN A 87 -10.93 -27.12 -2.77
N LEU A 88 -9.70 -26.64 -2.71
CA LEU A 88 -9.29 -25.41 -3.39
C LEU A 88 -8.00 -25.65 -4.15
N THR A 89 -7.98 -25.24 -5.42
CA THR A 89 -6.79 -25.29 -6.25
C THR A 89 -6.48 -23.89 -6.76
N PHE A 90 -5.19 -23.55 -6.80
CA PHE A 90 -4.79 -22.22 -7.24
C PHE A 90 -3.39 -22.30 -7.85
N GLN A 91 -3.10 -21.36 -8.74
CA GLN A 91 -1.80 -21.25 -9.39
C GLN A 91 -1.07 -20.04 -8.87
N THR A 92 0.19 -20.23 -8.50
CA THR A 92 1.02 -19.12 -8.04
C THR A 92 1.54 -18.33 -9.25
N SER A 93 2.08 -17.14 -8.95
CA SER A 93 2.62 -16.29 -10.01
C SER A 93 3.76 -16.99 -10.73
N SER A 94 3.84 -16.78 -12.05
CA SER A 94 4.89 -17.33 -12.89
C SER A 94 5.78 -16.21 -13.38
N PRO A 95 6.87 -15.90 -12.67
CA PRO A 95 7.68 -14.74 -13.06
C PRO A 95 8.26 -14.87 -14.45
N ALA A 96 8.46 -13.70 -15.08
CA ALA A 96 9.19 -13.66 -16.35
C ALA A 96 10.69 -13.71 -16.12
N HIS A 97 11.17 -13.12 -15.02
N HIS A 97 11.17 -13.09 -15.04
CA HIS A 97 12.59 -13.12 -14.70
CA HIS A 97 12.59 -13.07 -14.69
C HIS A 97 12.76 -13.07 -13.19
C HIS A 97 12.73 -13.13 -13.18
N LEU A 98 13.93 -13.47 -12.73
CA LEU A 98 14.27 -13.47 -11.32
C LEU A 98 15.46 -12.56 -11.07
N THR A 99 15.45 -11.92 -9.91
CA THR A 99 16.54 -11.03 -9.49
C THR A 99 16.87 -11.29 -8.03
N MET A 100 18.15 -11.50 -7.73
CA MET A 100 18.60 -11.75 -6.38
C MET A 100 19.17 -10.47 -5.78
N PRO A 101 18.79 -10.09 -4.56
CA PRO A 101 19.38 -8.91 -3.94
C PRO A 101 20.65 -9.25 -3.16
N TYR A 102 21.49 -8.23 -3.00
CA TYR A 102 22.73 -8.34 -2.24
C TYR A 102 22.83 -7.10 -1.38
N VAL A 103 23.11 -7.28 -0.09
CA VAL A 103 23.07 -6.19 0.88
C VAL A 103 24.46 -6.00 1.49
N MET A 104 24.90 -4.75 1.56
CA MET A 104 26.09 -4.29 2.26
C MET A 104 25.68 -3.30 3.34
N PRO A 105 26.38 -3.25 4.49
CA PRO A 105 27.54 -4.04 4.92
C PRO A 105 27.17 -5.45 5.32
N GLY A 106 28.18 -6.27 5.60
CA GLY A 106 27.93 -7.66 5.92
C GLY A 106 27.29 -7.83 7.29
N ASP A 107 26.73 -9.02 7.49
CA ASP A 107 26.04 -9.34 8.74
C ASP A 107 27.05 -9.35 9.89
N GLY A 108 26.77 -8.54 10.91
CA GLY A 108 27.62 -8.44 12.07
C GLY A 108 28.74 -7.42 11.98
N GLU A 109 28.94 -6.81 10.81
CA GLU A 109 30.04 -5.86 10.64
C GLU A 109 29.85 -4.64 11.54
N VAL A 110 30.98 -4.05 11.94
CA VAL A 110 31.02 -2.76 12.61
C VAL A 110 31.61 -1.77 11.61
N VAL A 111 30.87 -0.69 11.35
CA VAL A 111 31.20 0.23 10.27
C VAL A 111 31.19 1.66 10.79
N GLY A 112 31.85 2.54 10.03
CA GLY A 112 31.96 3.93 10.39
C GLY A 112 30.64 4.69 10.23
N VAL A 113 30.69 5.97 10.60
CA VAL A 113 29.49 6.79 10.64
C VAL A 113 28.99 7.20 9.27
N GLY A 114 29.71 6.87 8.20
CA GLY A 114 29.29 7.20 6.86
C GLY A 114 28.74 6.05 6.04
N GLU A 115 28.63 4.86 6.63
CA GLU A 115 28.22 3.68 5.88
C GLU A 115 26.72 3.72 5.62
N PRO A 116 26.28 3.78 4.37
CA PRO A 116 24.85 3.65 4.08
C PRO A 116 24.44 2.20 4.00
N VAL A 117 23.13 1.98 4.09
CA VAL A 117 22.55 0.69 3.76
C VAL A 117 22.46 0.60 2.24
N ALA A 118 22.89 -0.53 1.68
CA ALA A 118 22.91 -0.71 0.23
C ALA A 118 22.23 -2.03 -0.13
N ILE A 119 21.24 -1.96 -1.00
CA ILE A 119 20.58 -3.13 -1.57
C ILE A 119 20.86 -3.10 -3.07
N ARG A 120 21.61 -4.08 -3.56
CA ARG A 120 21.95 -4.18 -4.97
C ARG A 120 21.29 -5.42 -5.56
N PHE A 121 20.58 -5.23 -6.68
CA PHE A 121 19.98 -6.32 -7.44
C PHE A 121 20.85 -6.62 -8.65
N ASP A 122 20.66 -7.82 -9.22
CA ASP A 122 21.39 -8.25 -10.40
C ASP A 122 20.58 -8.08 -11.68
N GLU A 123 19.49 -7.33 -11.63
CA GLU A 123 18.70 -6.99 -12.80
C GLU A 123 18.16 -5.58 -12.60
N ASN A 124 17.82 -4.92 -13.71
CA ASN A 124 17.23 -3.59 -13.62
C ASN A 124 15.84 -3.69 -13.01
N ILE A 125 15.49 -2.71 -12.19
CA ILE A 125 14.28 -2.73 -11.38
C ILE A 125 13.27 -1.77 -12.01
N ALA A 126 12.23 -2.33 -12.64
CA ALA A 126 11.24 -1.50 -13.30
C ALA A 126 10.34 -0.78 -12.31
N ASP A 127 10.11 -1.35 -11.13
CA ASP A 127 9.21 -0.78 -10.13
C ASP A 127 10.00 -0.55 -8.84
N ARG A 128 10.69 0.59 -8.78
CA ARG A 128 11.51 0.91 -7.60
C ARG A 128 10.66 1.04 -6.36
N GLY A 129 9.46 1.63 -6.49
CA GLY A 129 8.61 1.79 -5.32
C GLY A 129 8.28 0.47 -4.65
N ALA A 130 8.04 -0.56 -5.47
CA ALA A 130 7.78 -1.88 -4.90
C ALA A 130 9.01 -2.40 -4.17
N ALA A 131 10.20 -2.14 -4.71
CA ALA A 131 11.42 -2.57 -4.04
C ALA A 131 11.59 -1.84 -2.71
N GLU A 132 11.38 -0.53 -2.69
CA GLU A 132 11.48 0.23 -1.44
C GLU A 132 10.44 -0.24 -0.43
N LYS A 133 9.23 -0.54 -0.90
CA LYS A 133 8.18 -1.03 -0.01
C LYS A 133 8.57 -2.36 0.63
N ALA A 134 9.35 -3.19 -0.07
CA ALA A 134 9.70 -4.52 0.41
C ALA A 134 10.91 -4.53 1.34
N ILE A 135 11.55 -3.38 1.55
CA ILE A 135 12.75 -3.29 2.38
C ILE A 135 12.38 -2.54 3.66
N LYS A 136 12.57 -3.19 4.80
CA LYS A 136 12.25 -2.61 6.10
C LYS A 136 13.55 -2.38 6.87
N ILE A 137 13.79 -1.14 7.26
CA ILE A 137 15.01 -0.74 7.96
C ILE A 137 14.65 -0.35 9.38
N THR A 138 15.37 -0.91 10.35
CA THR A 138 15.15 -0.66 11.76
C THR A 138 16.41 -0.06 12.36
N THR A 139 16.24 1.02 13.13
CA THR A 139 17.37 1.72 13.73
C THR A 139 17.11 1.91 15.22
N ASN A 140 18.16 1.78 16.02
CA ASN A 140 18.11 2.03 17.45
C ASN A 140 19.38 2.74 17.91
N PRO A 141 19.29 4.00 18.36
CA PRO A 141 18.08 4.83 18.48
C PRO A 141 17.44 5.12 17.12
N PRO A 142 16.12 5.11 17.04
CA PRO A 142 15.46 5.31 15.75
C PRO A 142 15.81 6.68 15.16
N VAL A 143 16.09 6.69 13.86
CA VAL A 143 16.50 7.89 13.17
C VAL A 143 15.88 7.90 11.78
N GLU A 144 15.54 9.09 11.29
CA GLU A 144 14.91 9.22 9.99
C GLU A 144 15.91 8.95 8.88
N GLY A 145 15.45 8.27 7.82
CA GLY A 145 16.24 8.03 6.63
C GLY A 145 15.31 7.88 5.45
N ALA A 146 15.91 7.69 4.28
CA ALA A 146 15.15 7.57 3.05
C ALA A 146 15.93 6.77 2.03
N PHE A 147 15.23 6.34 0.98
CA PHE A 147 15.83 5.61 -0.12
C PHE A 147 16.26 6.56 -1.23
N TYR A 148 17.34 6.20 -1.92
CA TYR A 148 17.76 6.91 -3.12
C TYR A 148 18.48 5.91 -4.02
N TRP A 149 18.22 6.00 -5.32
CA TRP A 149 18.77 5.07 -6.29
C TRP A 149 19.97 5.70 -7.00
N LEU A 150 21.09 4.97 -7.02
CA LEU A 150 22.30 5.42 -7.70
C LEU A 150 22.29 5.05 -9.18
N ASN A 151 21.84 3.84 -9.48
CA ASN A 151 21.65 3.38 -10.85
C ASN A 151 20.32 2.62 -10.86
N ASN A 152 20.11 1.78 -11.87
CA ASN A 152 18.86 1.03 -11.95
C ASN A 152 18.83 -0.18 -11.03
N ARG A 153 19.98 -0.67 -10.58
CA ARG A 153 20.05 -1.93 -9.86
C ARG A 153 20.36 -1.81 -8.38
N GLU A 154 20.84 -0.65 -7.91
CA GLU A 154 21.24 -0.49 -6.53
C GLU A 154 20.51 0.69 -5.91
N VAL A 155 20.09 0.52 -4.66
CA VAL A 155 19.41 1.56 -3.90
C VAL A 155 20.11 1.70 -2.56
N ARG A 156 20.04 2.89 -1.98
CA ARG A 156 20.73 3.21 -0.75
C ARG A 156 19.78 3.83 0.25
N TRP A 157 20.09 3.66 1.54
CA TRP A 157 19.28 4.19 2.63
C TRP A 157 20.23 4.78 3.68
N ARG A 158 20.04 6.05 4.01
CA ARG A 158 20.89 6.71 4.98
C ARG A 158 20.09 7.83 5.65
N PRO A 159 20.55 8.32 6.79
CA PRO A 159 19.93 9.47 7.43
C PRO A 159 20.43 10.79 6.83
N GLU A 160 19.92 11.90 7.38
CA GLU A 160 20.36 13.22 6.95
C GLU A 160 21.82 13.46 7.33
N HIS A 161 22.17 13.20 8.58
CA HIS A 161 23.52 13.38 9.09
C HIS A 161 24.18 12.03 9.28
N PHE A 162 25.50 12.06 9.49
CA PHE A 162 26.24 10.83 9.74
C PHE A 162 25.60 10.07 10.90
N TRP A 163 25.70 8.74 10.85
CA TRP A 163 25.18 7.92 11.93
C TRP A 163 25.75 8.37 13.27
N LYS A 164 24.96 8.21 14.31
CA LYS A 164 25.46 8.35 15.67
C LYS A 164 26.13 7.05 16.11
N PRO A 165 27.38 7.10 16.58
CA PRO A 165 28.03 5.85 17.00
C PRO A 165 27.19 5.08 18.01
N GLY A 166 27.24 3.76 17.90
CA GLY A 166 26.44 2.89 18.74
C GLY A 166 25.06 2.56 18.18
N THR A 167 24.74 3.02 16.97
CA THR A 167 23.42 2.79 16.39
C THR A 167 23.35 1.39 15.78
N ALA A 168 22.30 0.65 16.13
CA ALA A 168 22.04 -0.65 15.55
C ALA A 168 21.15 -0.49 14.32
N VAL A 169 21.43 -1.28 13.29
CA VAL A 169 20.72 -1.20 12.02
C VAL A 169 20.32 -2.60 11.58
N ASP A 170 19.05 -2.77 11.23
CA ASP A 170 18.53 -4.05 10.76
C ASP A 170 17.89 -3.86 9.39
N VAL A 171 18.25 -4.71 8.45
CA VAL A 171 17.82 -4.59 7.06
C VAL A 171 17.11 -5.90 6.70
N ALA A 172 15.80 -5.81 6.44
CA ALA A 172 15.01 -6.95 6.01
C ALA A 172 14.57 -6.70 4.57
N VAL A 173 15.16 -7.42 3.63
CA VAL A 173 14.81 -7.30 2.22
C VAL A 173 13.88 -8.47 1.92
N ASN A 174 12.59 -8.22 2.04
CA ASN A 174 11.57 -9.24 1.83
C ASN A 174 10.99 -9.11 0.43
N THR A 175 11.82 -9.50 -0.54
CA THR A 175 11.50 -9.40 -1.96
C THR A 175 11.00 -10.71 -2.56
N TYR A 176 11.04 -11.82 -1.82
CA TYR A 176 10.55 -13.07 -2.36
C TYR A 176 9.04 -13.02 -2.51
N GLY A 177 8.56 -13.37 -3.70
CA GLY A 177 7.15 -13.30 -4.01
C GLY A 177 6.66 -11.95 -4.46
N VAL A 178 7.53 -10.93 -4.45
CA VAL A 178 7.15 -9.56 -4.78
C VAL A 178 7.45 -9.28 -6.25
N ASP A 179 6.45 -8.79 -6.97
CA ASP A 179 6.62 -8.39 -8.36
C ASP A 179 7.34 -7.04 -8.39
N LEU A 180 8.57 -7.03 -8.89
CA LEU A 180 9.37 -5.82 -8.96
C LEU A 180 9.27 -5.13 -10.31
N GLY A 181 8.28 -5.50 -11.11
CA GLY A 181 7.99 -4.81 -12.37
C GLY A 181 8.34 -5.66 -13.57
N GLU A 182 7.49 -5.60 -14.59
CA GLU A 182 7.72 -6.29 -15.86
C GLU A 182 8.06 -7.77 -15.64
N GLY A 183 7.27 -8.41 -14.78
CA GLY A 183 7.46 -9.82 -14.50
C GLY A 183 8.71 -10.18 -13.75
N MET A 184 9.39 -9.20 -13.16
CA MET A 184 10.64 -9.42 -12.44
C MET A 184 10.31 -9.67 -10.96
N PHE A 185 10.44 -10.90 -10.51
CA PHE A 185 10.18 -11.27 -9.13
C PHE A 185 11.48 -11.56 -8.40
N GLY A 186 11.47 -11.34 -7.09
CA GLY A 186 12.67 -11.57 -6.30
C GLY A 186 12.98 -13.05 -6.14
N GLU A 187 14.28 -13.35 -6.11
CA GLU A 187 14.72 -14.73 -5.99
C GLU A 187 14.64 -15.24 -4.56
N ASP A 188 14.88 -14.37 -3.57
CA ASP A 188 14.94 -14.80 -2.19
C ASP A 188 14.78 -13.57 -1.28
N ASN A 189 14.76 -13.84 0.02
CA ASN A 189 14.80 -12.79 1.03
C ASN A 189 16.20 -12.71 1.64
N VAL A 190 16.57 -11.53 2.10
CA VAL A 190 17.86 -11.29 2.74
C VAL A 190 17.64 -10.52 4.03
N GLN A 191 18.45 -10.82 5.04
CA GLN A 191 18.32 -10.23 6.37
C GLN A 191 19.72 -10.04 6.92
N THR A 192 20.15 -8.78 7.02
CA THR A 192 21.48 -8.45 7.54
C THR A 192 21.36 -7.41 8.65
N HIS A 193 22.40 -7.35 9.48
CA HIS A 193 22.42 -6.48 10.64
C HIS A 193 23.85 -5.99 10.84
N PHE A 194 24.00 -4.70 11.12
CA PHE A 194 25.31 -4.12 11.35
C PHE A 194 25.21 -3.04 12.41
N THR A 195 26.37 -2.52 12.83
CA THR A 195 26.48 -1.59 13.93
C THR A 195 27.46 -0.48 13.57
N ILE A 196 27.21 0.71 14.08
CA ILE A 196 28.05 1.87 13.82
C ILE A 196 29.10 1.98 14.91
N GLY A 197 30.36 2.07 14.50
CA GLY A 197 31.47 2.18 15.41
C GLY A 197 31.89 3.61 15.68
N ASP A 198 33.17 3.80 15.97
CA ASP A 198 33.69 5.11 16.31
C ASP A 198 33.53 6.09 15.16
N GLU A 199 33.43 7.37 15.50
CA GLU A 199 33.48 8.44 14.50
C GLU A 199 34.91 8.62 14.03
N VAL A 200 35.14 8.44 12.74
CA VAL A 200 36.47 8.60 12.14
C VAL A 200 36.30 9.44 10.88
N ILE A 201 36.72 10.71 10.96
CA ILE A 201 36.59 11.65 9.86
C ILE A 201 37.99 12.16 9.52
N ALA A 202 38.42 11.93 8.29
CA ALA A 202 39.72 12.41 7.82
C ALA A 202 39.51 13.48 6.76
N THR A 203 40.30 14.55 6.85
CA THR A 203 40.16 15.71 5.97
C THR A 203 41.44 15.93 5.19
N ALA A 204 41.30 16.17 3.89
CA ALA A 204 42.42 16.46 3.00
C ALA A 204 42.24 17.86 2.45
N ASP A 205 43.09 18.79 2.87
CA ASP A 205 43.01 20.18 2.46
C ASP A 205 44.09 20.47 1.45
N ASP A 206 43.70 20.84 0.23
CA ASP A 206 44.67 21.12 -0.82
C ASP A 206 45.56 22.31 -0.47
N ASN A 207 45.10 23.21 0.40
CA ASN A 207 45.91 24.37 0.76
C ASN A 207 47.11 23.95 1.61
N THR A 208 46.89 23.11 2.61
CA THR A 208 47.96 22.60 3.45
C THR A 208 48.55 21.29 2.93
N LYS A 209 47.87 20.63 2.00
CA LYS A 209 48.33 19.35 1.46
C LYS A 209 48.54 18.34 2.59
N ILE A 210 47.66 18.39 3.60
CA ILE A 210 47.73 17.53 4.76
C ILE A 210 46.44 16.73 4.87
N LEU A 211 46.57 15.43 5.11
CA LEU A 211 45.44 14.55 5.41
C LEU A 211 45.43 14.29 6.91
N THR A 212 44.47 14.89 7.61
CA THR A 212 44.35 14.75 9.05
C THR A 212 43.25 13.75 9.38
N VAL A 213 43.57 12.77 10.23
CA VAL A 213 42.61 11.77 10.68
C VAL A 213 42.13 12.16 12.07
N ARG A 214 40.82 12.21 12.26
CA ARG A 214 40.22 12.57 13.54
C ARG A 214 39.35 11.42 14.02
N VAL A 215 39.58 10.99 15.26
CA VAL A 215 38.80 9.94 15.90
C VAL A 215 38.03 10.58 17.05
N ASN A 216 36.71 10.58 16.95
CA ASN A 216 35.84 11.15 17.98
C ASN A 216 36.18 12.61 18.25
N GLY A 217 36.61 13.33 17.22
CA GLY A 217 36.89 14.74 17.32
C GLY A 217 38.32 15.11 17.67
N GLU A 218 39.19 14.14 17.87
CA GLU A 218 40.58 14.39 18.24
C GLU A 218 41.50 14.04 17.10
N VAL A 219 42.44 14.94 16.80
CA VAL A 219 43.48 14.65 15.82
C VAL A 219 44.37 13.54 16.38
N VAL A 220 44.51 12.44 15.64
CA VAL A 220 45.39 11.36 16.02
C VAL A 220 46.49 11.10 15.01
N LYS A 221 46.40 11.65 13.81
CA LYS A 221 47.43 11.43 12.79
C LYS A 221 47.35 12.55 11.77
N SER A 222 48.49 13.14 11.44
CA SER A 222 48.59 14.19 10.43
C SER A 222 49.55 13.71 9.35
N MET A 223 49.02 13.47 8.16
CA MET A 223 49.77 12.84 7.08
C MET A 223 50.00 13.84 5.95
N PRO A 224 51.23 14.21 5.63
CA PRO A 224 51.47 14.98 4.41
C PRO A 224 51.14 14.13 3.19
N THR A 225 50.49 14.75 2.20
CA THR A 225 49.96 13.98 1.08
C THR A 225 50.16 14.75 -0.22
N SER A 226 50.08 13.99 -1.32
CA SER A 226 50.12 14.54 -2.67
C SER A 226 48.89 14.02 -3.41
N MET A 227 48.03 14.93 -3.84
CA MET A 227 46.76 14.57 -4.44
C MET A 227 46.84 14.72 -5.97
N GLY A 228 45.68 14.74 -6.63
CA GLY A 228 45.67 14.80 -8.07
C GLY A 228 46.27 16.10 -8.58
N LYS A 229 47.11 15.99 -9.60
CA LYS A 229 47.67 17.16 -10.25
C LYS A 229 46.57 17.92 -10.98
N ASP A 230 46.91 19.14 -11.41
CA ASP A 230 45.90 20.02 -12.00
C ASP A 230 45.19 19.36 -13.19
N SER A 231 45.90 18.53 -13.95
CA SER A 231 45.28 17.95 -15.14
C SER A 231 44.27 16.86 -14.77
N THR A 232 44.57 16.07 -13.73
CA THR A 232 43.69 15.00 -13.26
C THR A 232 43.50 15.17 -11.76
N PRO A 233 42.76 16.20 -11.35
CA PRO A 233 42.68 16.53 -9.92
C PRO A 233 41.80 15.58 -9.13
N THR A 234 42.00 15.63 -7.82
CA THR A 234 41.11 14.96 -6.87
C THR A 234 39.89 15.83 -6.63
N ALA A 235 38.70 15.25 -6.76
CA ALA A 235 37.49 16.01 -6.56
C ALA A 235 37.25 16.29 -5.08
N ASN A 236 36.70 17.47 -4.81
CA ASN A 236 36.31 17.80 -3.44
C ASN A 236 35.05 17.06 -3.04
N GLY A 237 34.74 17.07 -1.76
CA GLY A 237 33.49 16.49 -1.26
C GLY A 237 33.74 15.44 -0.20
N ILE A 238 32.67 14.66 0.06
CA ILE A 238 32.68 13.63 1.10
C ILE A 238 32.87 12.27 0.43
N TYR A 239 33.81 11.48 0.94
CA TYR A 239 34.06 10.13 0.46
C TYR A 239 33.77 9.14 1.59
N ILE A 240 33.16 8.01 1.24
CA ILE A 240 32.98 6.89 2.16
C ILE A 240 34.10 5.89 1.93
N VAL A 241 34.79 5.49 3.01
CA VAL A 241 35.80 4.45 2.90
C VAL A 241 35.15 3.13 2.53
N GLY A 242 35.73 2.44 1.54
CA GLY A 242 35.23 1.15 1.13
C GLY A 242 36.16 0.01 1.50
N SER A 243 36.67 -0.69 0.50
CA SER A 243 37.50 -1.86 0.74
C SER A 243 38.94 -1.46 1.06
N ARG A 244 39.66 -2.39 1.68
CA ARG A 244 41.05 -2.19 2.07
C ARG A 244 41.90 -3.30 1.46
N TYR A 245 43.14 -2.95 1.10
CA TYR A 245 44.02 -3.89 0.41
C TYR A 245 45.45 -3.72 0.92
N LYS A 246 46.04 -4.82 1.39
CA LYS A 246 47.45 -4.81 1.74
C LYS A 246 48.30 -4.47 0.52
N HIS A 247 47.89 -4.92 -0.65
CA HIS A 247 48.52 -4.56 -1.91
C HIS A 247 47.50 -4.79 -3.02
N ILE A 248 47.55 -3.94 -4.04
CA ILE A 248 46.59 -4.01 -5.13
C ILE A 248 47.20 -3.40 -6.38
N ILE A 249 47.06 -4.10 -7.50
CA ILE A 249 47.47 -3.59 -8.81
C ILE A 249 46.37 -2.64 -9.29
N MET A 250 46.71 -1.36 -9.40
CA MET A 250 45.79 -0.37 -9.95
C MET A 250 45.95 -0.32 -11.46
N ASP A 251 44.86 -0.63 -12.16
CA ASP A 251 44.84 -0.65 -13.62
C ASP A 251 43.80 0.35 -14.09
N SER A 252 44.24 1.39 -14.81
CA SER A 252 43.31 2.41 -15.29
C SER A 252 42.26 1.83 -16.22
N SER A 253 42.53 0.67 -16.83
CA SER A 253 41.60 0.12 -17.81
C SER A 253 40.29 -0.32 -17.17
N THR A 254 40.30 -0.65 -15.87
CA THR A 254 39.07 -1.00 -15.18
C THR A 254 38.10 0.17 -15.09
N TYR A 255 38.55 1.38 -15.40
CA TYR A 255 37.70 2.56 -15.43
C TYR A 255 37.48 3.08 -16.85
N GLY A 256 37.85 2.30 -17.86
CA GLY A 256 37.68 2.69 -19.25
C GLY A 256 38.80 3.53 -19.81
N VAL A 257 39.87 3.74 -19.06
CA VAL A 257 41.02 4.53 -19.51
C VAL A 257 42.12 3.55 -19.94
N PRO A 258 42.43 3.45 -21.23
CA PRO A 258 43.51 2.53 -21.63
C PRO A 258 44.79 2.83 -20.87
N VAL A 259 45.59 1.78 -20.66
CA VAL A 259 46.86 1.96 -19.97
C VAL A 259 47.83 2.75 -20.83
N ASN A 260 47.80 2.53 -22.15
CA ASN A 260 48.71 3.21 -23.06
C ASN A 260 48.30 4.64 -23.37
N SER A 261 47.18 5.10 -22.84
CA SER A 261 46.72 6.46 -23.09
C SER A 261 47.47 7.43 -22.18
N PRO A 262 47.36 8.74 -22.44
CA PRO A 262 48.13 9.71 -21.63
C PRO A 262 47.83 9.63 -20.14
N ASN A 263 46.58 9.40 -19.77
CA ASN A 263 46.17 9.34 -18.38
C ASN A 263 46.10 7.92 -17.84
N GLY A 264 46.46 6.92 -18.64
CA GLY A 264 46.43 5.55 -18.18
C GLY A 264 47.61 5.21 -17.28
N TYR A 265 47.54 4.04 -16.68
CA TYR A 265 48.58 3.60 -15.75
C TYR A 265 48.33 2.17 -15.34
N ARG A 266 49.39 1.52 -14.89
CA ARG A 266 49.30 0.18 -14.30
C ARG A 266 50.40 0.10 -13.24
N THR A 267 50.02 0.36 -11.99
CA THR A 267 50.98 0.48 -10.90
C THR A 267 50.52 -0.36 -9.72
N ASP A 268 51.46 -1.09 -9.12
CA ASP A 268 51.20 -1.91 -7.95
C ASP A 268 51.57 -1.13 -6.70
N VAL A 269 50.62 -0.99 -5.77
CA VAL A 269 50.79 -0.18 -4.58
C VAL A 269 50.47 -1.02 -3.35
N ASP A 270 50.96 -0.54 -2.21
CA ASP A 270 50.72 -1.16 -0.92
C ASP A 270 49.75 -0.32 -0.11
N TRP A 271 49.08 -0.99 0.84
CA TRP A 271 48.24 -0.34 1.83
C TRP A 271 47.26 0.65 1.18
N ALA A 272 46.43 0.11 0.31
CA ALA A 272 45.47 0.90 -0.45
C ALA A 272 44.10 0.81 0.18
N THR A 273 43.53 1.95 0.55
CA THR A 273 42.16 2.04 1.04
C THR A 273 41.32 2.77 0.00
N GLN A 274 40.30 2.10 -0.51
CA GLN A 274 39.41 2.67 -1.51
C GLN A 274 38.45 3.65 -0.87
N ILE A 275 38.26 4.81 -1.51
CA ILE A 275 37.30 5.79 -1.05
C ILE A 275 36.37 6.29 -2.15
N SER A 276 36.54 5.84 -3.40
CA SER A 276 35.61 6.16 -4.46
C SER A 276 35.61 5.05 -5.50
N TYR A 277 34.45 4.85 -6.12
CA TYR A 277 34.35 3.87 -7.20
C TYR A 277 35.14 4.29 -8.42
N SER A 278 35.35 5.60 -8.59
CA SER A 278 36.09 6.11 -9.75
C SER A 278 37.59 5.91 -9.64
N GLY A 279 38.08 5.28 -8.58
CA GLY A 279 39.47 4.92 -8.46
C GLY A 279 40.30 5.74 -7.50
N VAL A 280 39.68 6.58 -6.67
CA VAL A 280 40.42 7.36 -5.69
C VAL A 280 40.73 6.48 -4.48
N PHE A 281 42.01 6.42 -4.12
CA PHE A 281 42.47 5.62 -2.99
C PHE A 281 43.38 6.46 -2.09
N VAL A 282 43.53 5.97 -0.87
CA VAL A 282 44.65 6.33 0.00
C VAL A 282 45.63 5.16 -0.04
N HIS A 283 46.86 5.41 -0.46
CA HIS A 283 47.81 4.31 -0.64
C HIS A 283 49.24 4.78 -0.39
N SER A 284 50.13 3.80 -0.25
CA SER A 284 51.54 4.06 -0.05
C SER A 284 52.18 4.51 -1.35
N ALA A 285 52.90 5.63 -1.32
CA ALA A 285 53.56 6.19 -2.51
C ALA A 285 54.96 6.62 -2.13
N PRO A 286 55.90 5.67 -2.06
CA PRO A 286 57.30 6.06 -1.78
C PRO A 286 57.86 7.03 -2.79
N TRP A 287 57.40 6.96 -4.04
CA TRP A 287 58.00 7.75 -5.12
C TRP A 287 57.68 9.23 -5.03
N SER A 288 56.80 9.65 -4.11
CA SER A 288 56.39 11.05 -4.02
C SER A 288 56.48 11.59 -2.60
N VAL A 289 57.27 10.95 -1.73
CA VAL A 289 57.40 11.44 -0.36
C VAL A 289 57.88 12.87 -0.32
N GLY A 290 58.73 13.27 -1.28
CA GLY A 290 59.19 14.64 -1.33
C GLY A 290 58.09 15.60 -1.76
N ALA A 291 57.27 15.17 -2.72
CA ALA A 291 56.14 16.01 -3.14
C ALA A 291 55.06 16.07 -2.08
N GLN A 292 54.94 15.02 -1.26
CA GLN A 292 53.88 14.96 -0.27
C GLN A 292 54.01 16.09 0.74
N GLY A 293 52.92 16.81 0.96
CA GLY A 293 52.94 18.00 1.79
C GLY A 293 53.31 19.26 1.06
N HIS A 294 53.46 19.23 -0.26
CA HIS A 294 53.91 20.40 -1.01
C HIS A 294 53.19 20.57 -2.33
N THR A 295 53.28 19.59 -3.23
CA THR A 295 52.67 19.70 -4.55
C THR A 295 51.93 18.42 -4.92
N ASN A 296 50.97 18.56 -5.83
CA ASN A 296 50.14 17.45 -6.30
C ASN A 296 50.72 16.86 -7.58
N THR A 297 50.84 15.53 -7.62
CA THR A 297 51.48 14.88 -8.75
C THR A 297 50.82 13.57 -9.18
N SER A 298 49.62 13.26 -8.69
CA SER A 298 49.02 11.95 -8.91
C SER A 298 47.82 12.04 -9.83
N HIS A 299 47.26 10.88 -10.16
CA HIS A 299 46.08 10.78 -11.02
C HIS A 299 44.78 11.02 -10.28
N GLY A 300 44.81 11.09 -8.96
CA GLY A 300 43.62 11.35 -8.18
C GLY A 300 43.70 10.77 -6.79
N QCS A 301 44.51 9.73 -6.63
CA QCS A 301 44.66 9.08 -5.35
CB QCS A 301 45.50 7.80 -5.45
SG QCS A 301 44.75 6.63 -6.62
CD QCS A 301 45.02 7.31 -8.28
NE2 QCS A 301 43.99 7.14 -9.29
OE1 QCS A 301 46.03 7.89 -8.54
C QCS A 301 45.39 10.01 -4.39
O QCS A 301 46.14 10.84 -4.77
N LEU A 302 45.10 9.84 -3.10
CA LEU A 302 45.82 10.55 -2.06
C LEU A 302 47.11 9.81 -1.77
N ASN A 303 48.21 10.31 -2.31
CA ASN A 303 49.52 9.75 -2.05
C ASN A 303 49.96 10.08 -0.63
N VAL A 304 50.37 9.07 0.13
CA VAL A 304 50.95 9.26 1.45
C VAL A 304 52.13 8.30 1.60
N SER A 305 52.87 8.47 2.68
CA SER A 305 54.03 7.64 2.93
C SER A 305 53.62 6.21 3.25
N PRO A 306 54.54 5.25 3.12
CA PRO A 306 54.20 3.87 3.49
C PRO A 306 53.66 3.73 4.90
N SER A 307 54.39 4.26 5.91
CA SER A 307 53.95 4.09 7.29
C SER A 307 52.58 4.72 7.51
N ASN A 308 52.34 5.88 6.90
CA ASN A 308 51.03 6.52 7.04
C ASN A 308 49.95 5.73 6.30
N ALA A 309 50.27 5.20 5.12
CA ALA A 309 49.30 4.37 4.39
C ALA A 309 48.93 3.14 5.18
N GLN A 310 49.93 2.45 5.74
CA GLN A 310 49.65 1.28 6.58
C GLN A 310 48.85 1.69 7.81
N TRP A 311 49.19 2.83 8.41
CA TRP A 311 48.44 3.30 9.56
C TRP A 311 46.98 3.56 9.20
N PHE A 312 46.74 4.17 8.04
CA PHE A 312 45.39 4.35 7.55
C PHE A 312 44.68 3.00 7.39
N TYR A 313 45.37 2.04 6.78
CA TYR A 313 44.83 0.69 6.62
C TYR A 313 44.47 0.09 7.97
N ASP A 314 45.29 0.33 8.99
CA ASP A 314 45.11 -0.33 10.28
C ASP A 314 44.05 0.33 11.15
N HIS A 315 43.83 1.64 11.00
CA HIS A 315 42.97 2.40 11.90
C HIS A 315 41.71 2.93 11.24
N VAL A 316 41.48 2.62 9.97
CA VAL A 316 40.31 3.10 9.24
C VAL A 316 39.51 1.89 8.76
N LYS A 317 38.19 1.93 8.98
CA LYS A 317 37.31 0.82 8.65
C LYS A 317 36.27 1.27 7.64
N ARG A 318 35.64 0.28 7.00
N ARG A 318 35.63 0.29 7.01
CA ARG A 318 34.57 0.56 6.04
CA ARG A 318 34.57 0.56 6.05
C ARG A 318 33.50 1.43 6.69
C ARG A 318 33.49 1.41 6.68
N GLY A 319 33.12 2.49 6.00
CA GLY A 319 32.13 3.43 6.50
C GLY A 319 32.70 4.71 7.06
N ASP A 320 33.99 4.73 7.42
CA ASP A 320 34.63 5.96 7.83
C ASP A 320 34.62 6.96 6.66
N ILE A 321 34.92 8.21 6.97
CA ILE A 321 34.72 9.31 6.04
C ILE A 321 36.06 9.97 5.72
N VAL A 322 36.22 10.32 4.45
CA VAL A 322 37.32 11.18 3.98
C VAL A 322 36.69 12.35 3.24
N GLU A 323 36.96 13.56 3.70
CA GLU A 323 36.48 14.78 3.07
C GLU A 323 37.65 15.53 2.45
N VAL A 324 37.48 15.96 1.20
CA VAL A 324 38.50 16.69 0.47
C VAL A 324 37.96 18.08 0.16
N VAL A 325 38.79 19.11 0.36
CA VAL A 325 38.37 20.50 0.22
C VAL A 325 39.47 21.30 -0.45
N ASN A 326 39.06 22.34 -1.17
CA ASN A 326 39.94 23.38 -1.72
C ASN A 326 40.83 22.87 -2.85
N THR A 327 40.47 21.78 -3.50
CA THR A 327 41.20 21.33 -4.68
C THR A 327 40.67 22.03 -5.93
N VAL A 328 41.43 21.93 -7.02
CA VAL A 328 41.02 22.56 -8.27
C VAL A 328 39.94 21.76 -9.00
N GLY A 329 39.61 20.56 -8.53
CA GLY A 329 38.60 19.75 -9.17
C GLY A 329 37.20 20.15 -8.75
N GLY A 330 36.24 19.32 -9.15
CA GLY A 330 34.85 19.52 -8.82
C GLY A 330 34.45 18.80 -7.55
N THR A 331 33.21 18.33 -7.54
CA THR A 331 32.65 17.61 -6.40
C THR A 331 32.36 16.17 -6.81
N LEU A 332 32.74 15.23 -5.95
CA LEU A 332 32.54 13.82 -6.23
C LEU A 332 31.07 13.56 -6.57
N PRO A 333 30.77 12.92 -7.69
CA PRO A 333 29.37 12.65 -8.04
C PRO A 333 28.66 11.89 -6.92
N GLY A 334 27.41 12.28 -6.65
CA GLY A 334 26.61 11.55 -5.69
C GLY A 334 26.32 10.12 -6.13
N ILE A 335 26.21 9.89 -7.44
CA ILE A 335 25.93 8.55 -7.95
C ILE A 335 27.16 7.67 -8.02
N ASP A 336 28.31 8.15 -7.56
CA ASP A 336 29.57 7.43 -7.76
C ASP A 336 29.51 6.03 -7.18
N GLY A 337 28.89 5.86 -6.01
CA GLY A 337 28.88 4.61 -5.27
C GLY A 337 29.43 4.73 -3.87
N LEU A 338 30.34 5.69 -3.66
CA LEU A 338 30.83 6.04 -2.34
C LEU A 338 30.69 7.54 -2.09
N GLY A 339 29.85 8.22 -2.88
CA GLY A 339 29.67 9.64 -2.73
C GLY A 339 28.26 10.01 -2.31
N ASP A 340 27.58 9.05 -1.67
CA ASP A 340 26.17 9.23 -1.29
C ASP A 340 25.96 10.55 -0.56
N TRP A 341 26.88 10.90 0.34
CA TRP A 341 26.68 12.04 1.23
C TRP A 341 26.82 13.38 0.53
N ASN A 342 27.22 13.40 -0.74
CA ASN A 342 27.31 14.66 -1.46
C ASN A 342 25.97 15.11 -2.03
N ILE A 343 24.96 14.24 -2.01
CA ILE A 343 23.61 14.60 -2.45
C ILE A 343 22.95 15.42 -1.34
N PRO A 344 22.46 16.63 -1.62
CA PRO A 344 21.77 17.40 -0.58
C PRO A 344 20.65 16.58 0.05
N TRP A 345 20.42 16.80 1.35
CA TRP A 345 19.46 15.97 2.07
C TRP A 345 18.07 16.07 1.46
N ASP A 346 17.64 17.27 1.09
CA ASP A 346 16.28 17.45 0.58
C ASP A 346 16.07 16.68 -0.71
N GLN A 347 17.09 16.63 -1.56
CA GLN A 347 17.01 15.84 -2.78
C GLN A 347 16.97 14.34 -2.45
N TRP A 348 17.88 13.90 -1.58
CA TRP A 348 17.91 12.49 -1.19
C TRP A 348 16.57 12.08 -0.59
N ARG A 349 16.09 12.86 0.39
CA ARG A 349 14.83 12.56 1.05
C ARG A 349 13.71 12.35 0.04
N ALA A 350 13.57 13.26 -0.92
CA ALA A 350 12.48 13.16 -1.89
C ALA A 350 12.59 11.89 -2.72
N GLY A 351 13.81 11.38 -2.91
CA GLY A 351 14.01 10.16 -3.65
C GLY A 351 13.84 10.29 -5.14
N ASN A 352 14.14 9.23 -5.86
CA ASN A 352 13.98 9.15 -7.30
C ASN A 352 13.29 7.85 -7.68
N ALA A 353 12.21 7.52 -6.96
CA ALA A 353 11.45 6.31 -7.26
C ALA A 353 10.66 6.44 -8.56
N LYS A 354 10.38 7.67 -9.01
CA LYS A 354 9.60 7.92 -10.22
C LYS A 354 8.12 7.63 -9.95
N LEU B 5 -53.05 -20.36 -37.91
CA LEU B 5 -53.24 -20.76 -36.52
C LEU B 5 -53.91 -19.63 -35.72
N VAL B 6 -54.41 -19.99 -34.54
CA VAL B 6 -55.11 -19.04 -33.66
C VAL B 6 -54.06 -18.39 -32.75
N PRO B 7 -54.10 -17.07 -32.55
CA PRO B 7 -53.06 -16.42 -31.74
C PRO B 7 -53.08 -16.89 -30.30
N LYS B 8 -51.89 -16.98 -29.71
CA LYS B 8 -51.70 -17.42 -28.33
C LYS B 8 -51.11 -16.27 -27.52
N LEU B 9 -51.49 -16.19 -26.24
CA LEU B 9 -51.09 -15.09 -25.38
C LEU B 9 -50.40 -15.63 -24.13
N THR B 10 -49.15 -15.21 -23.91
CA THR B 10 -48.40 -15.52 -22.71
C THR B 10 -47.93 -14.23 -22.06
N ALA B 11 -47.68 -14.29 -20.75
CA ALA B 11 -47.32 -13.12 -19.98
C ALA B 11 -46.19 -13.47 -19.01
N SER B 12 -45.44 -12.44 -18.60
CA SER B 12 -44.41 -12.62 -17.59
C SER B 12 -45.01 -12.86 -16.20
N VAL B 13 -46.32 -12.74 -16.06
CA VAL B 13 -47.06 -13.06 -14.85
C VAL B 13 -48.16 -14.04 -15.25
N THR B 14 -48.70 -14.75 -14.26
CA THR B 14 -49.73 -15.74 -14.51
C THR B 14 -50.98 -15.43 -13.69
N ASP B 15 -52.13 -15.82 -14.24
CA ASP B 15 -53.41 -15.45 -13.62
C ASP B 15 -53.51 -16.04 -12.22
N GLY B 16 -53.86 -15.20 -11.25
CA GLY B 16 -53.92 -15.60 -9.87
C GLY B 16 -52.63 -15.44 -9.09
N ALA B 17 -51.58 -14.91 -9.71
CA ALA B 17 -50.29 -14.82 -9.05
C ALA B 17 -50.36 -13.90 -7.83
N VAL B 18 -49.66 -14.32 -6.78
CA VAL B 18 -49.53 -13.52 -5.55
C VAL B 18 -48.07 -13.17 -5.36
N GLY B 19 -47.83 -12.11 -4.60
CA GLY B 19 -46.48 -11.70 -4.27
C GLY B 19 -45.59 -11.45 -5.47
N VAL B 20 -46.17 -11.01 -6.59
CA VAL B 20 -45.36 -10.66 -7.75
C VAL B 20 -44.43 -9.52 -7.37
N THR B 21 -43.15 -9.65 -7.72
CA THR B 21 -42.16 -8.66 -7.37
C THR B 21 -42.13 -7.54 -8.40
N VAL B 22 -41.97 -6.30 -7.91
CA VAL B 22 -42.02 -5.12 -8.75
C VAL B 22 -40.62 -4.68 -9.19
N ASP B 23 -39.64 -5.57 -9.07
CA ASP B 23 -38.27 -5.26 -9.51
C ASP B 23 -38.10 -5.36 -11.02
N ALA B 24 -39.09 -5.89 -11.73
CA ALA B 24 -39.02 -6.09 -13.17
C ALA B 24 -40.32 -5.62 -13.81
N PRO B 25 -40.29 -5.29 -15.09
CA PRO B 25 -41.54 -4.93 -15.78
C PRO B 25 -42.38 -6.16 -16.04
N VAL B 26 -43.63 -5.93 -16.42
CA VAL B 26 -44.57 -6.98 -16.77
C VAL B 26 -44.82 -6.90 -18.27
N SER B 27 -44.76 -8.05 -18.94
CA SER B 27 -44.83 -8.10 -20.40
C SER B 27 -45.89 -9.10 -20.84
N VAL B 28 -46.37 -8.90 -22.06
CA VAL B 28 -47.31 -9.81 -22.71
C VAL B 28 -46.80 -10.07 -24.12
N THR B 29 -46.80 -11.34 -24.52
CA THR B 29 -46.28 -11.76 -25.80
C THR B 29 -47.34 -12.54 -26.56
N ALA B 30 -47.33 -12.38 -27.87
CA ALA B 30 -48.28 -13.05 -28.76
C ALA B 30 -47.55 -13.96 -29.73
N ALA B 31 -48.10 -15.16 -29.93
CA ALA B 31 -47.59 -16.12 -30.90
C ALA B 31 -48.65 -16.38 -31.95
N ASP B 32 -48.22 -16.57 -33.19
CA ASP B 32 -49.13 -16.81 -34.32
C ASP B 32 -50.15 -15.68 -34.44
N GLY B 33 -49.65 -14.46 -34.33
CA GLY B 33 -50.50 -13.29 -34.40
C GLY B 33 -49.81 -12.09 -33.79
N VAL B 34 -50.56 -10.99 -33.72
CA VAL B 34 -50.08 -9.75 -33.13
C VAL B 34 -51.09 -9.28 -32.09
N LEU B 35 -50.59 -8.52 -31.11
CA LEU B 35 -51.43 -7.95 -30.07
C LEU B 35 -52.17 -6.73 -30.63
N ALA B 36 -53.49 -6.77 -30.60
CA ALA B 36 -54.28 -5.62 -31.02
C ALA B 36 -54.26 -4.51 -29.98
N ALA B 37 -54.40 -4.88 -28.71
CA ALA B 37 -54.31 -3.91 -27.63
C ALA B 37 -54.04 -4.66 -26.33
N VAL B 38 -53.44 -3.95 -25.38
CA VAL B 38 -53.13 -4.47 -24.06
C VAL B 38 -53.40 -3.38 -23.04
N THR B 39 -54.17 -3.70 -22.02
CA THR B 39 -54.50 -2.75 -20.96
C THR B 39 -54.17 -3.36 -19.61
N MET B 40 -53.66 -2.54 -18.71
N MET B 40 -53.60 -2.55 -18.73
CA MET B 40 -53.37 -2.96 -17.34
CA MET B 40 -53.39 -2.95 -17.34
C MET B 40 -53.75 -1.82 -16.40
C MET B 40 -53.82 -1.81 -16.44
N VAL B 41 -54.65 -2.11 -15.46
CA VAL B 41 -55.14 -1.12 -14.51
C VAL B 41 -54.89 -1.65 -13.10
N ASN B 42 -54.76 -0.71 -12.16
CA ASN B 42 -54.56 -1.08 -10.77
C ASN B 42 -55.92 -1.23 -10.08
N ASP B 43 -55.89 -1.57 -8.79
CA ASP B 43 -57.12 -1.83 -8.06
C ASP B 43 -58.04 -0.62 -8.00
N ASN B 44 -57.51 0.59 -8.17
CA ASN B 44 -58.33 1.80 -8.19
C ASN B 44 -58.73 2.21 -9.60
N GLY B 45 -58.38 1.42 -10.61
CA GLY B 45 -58.87 1.64 -11.97
C GLY B 45 -58.01 2.49 -12.86
N ARG B 46 -56.78 2.80 -12.46
CA ARG B 46 -55.98 3.69 -13.31
C ARG B 46 -55.08 2.88 -14.25
N PRO B 47 -54.97 3.29 -15.51
CA PRO B 47 -54.15 2.52 -16.45
C PRO B 47 -52.67 2.62 -16.08
N VAL B 48 -51.99 1.49 -16.20
CA VAL B 48 -50.54 1.44 -16.05
C VAL B 48 -49.93 1.76 -17.40
N ALA B 49 -49.00 2.72 -17.44
CA ALA B 49 -48.38 3.10 -18.69
C ALA B 49 -47.63 1.91 -19.28
N GLY B 50 -47.74 1.74 -20.60
CA GLY B 50 -47.06 0.65 -21.28
C GLY B 50 -46.86 0.99 -22.74
N ARG B 51 -46.11 0.14 -23.43
CA ARG B 51 -45.74 0.38 -24.81
C ARG B 51 -45.77 -0.93 -25.59
N LEU B 52 -46.34 -0.86 -26.79
CA LEU B 52 -46.41 -2.00 -27.69
C LEU B 52 -45.28 -1.90 -28.71
N SER B 53 -44.55 -2.99 -28.89
CA SER B 53 -43.40 -2.99 -29.78
C SER B 53 -43.83 -2.79 -31.24
N PRO B 54 -42.93 -2.26 -32.08
CA PRO B 54 -43.33 -1.97 -33.47
C PRO B 54 -43.91 -3.17 -34.21
N ASP B 55 -43.32 -4.35 -34.07
CA ASP B 55 -43.84 -5.53 -34.74
C ASP B 55 -45.12 -6.05 -34.10
N GLY B 56 -45.61 -5.40 -33.05
CA GLY B 56 -46.86 -5.78 -32.43
C GLY B 56 -46.84 -7.08 -31.66
N LEU B 57 -45.66 -7.67 -31.46
CA LEU B 57 -45.56 -8.96 -30.79
C LEU B 57 -45.36 -8.87 -29.29
N ARG B 58 -44.81 -7.76 -28.79
CA ARG B 58 -44.42 -7.65 -27.39
C ARG B 58 -44.96 -6.35 -26.79
N TRP B 59 -45.61 -6.47 -25.64
CA TRP B 59 -46.05 -5.33 -24.85
C TRP B 59 -45.39 -5.41 -23.49
N SER B 60 -45.05 -4.24 -22.93
CA SER B 60 -44.38 -4.18 -21.64
C SER B 60 -44.79 -2.91 -20.92
N THR B 61 -44.93 -3.00 -19.61
CA THR B 61 -45.14 -1.81 -18.79
C THR B 61 -43.92 -0.92 -18.84
N THR B 62 -44.14 0.38 -18.70
CA THR B 62 -43.09 1.38 -18.76
C THR B 62 -42.80 2.04 -17.42
N GLU B 63 -43.82 2.38 -16.65
CA GLU B 63 -43.61 2.87 -15.30
C GLU B 63 -43.51 1.70 -14.33
N GLN B 64 -42.83 1.94 -13.21
CA GLN B 64 -42.63 0.89 -12.24
C GLN B 64 -43.95 0.54 -11.55
N LEU B 65 -44.15 -0.75 -11.28
CA LEU B 65 -45.34 -1.20 -10.59
C LEU B 65 -45.21 -0.93 -9.09
N GLY B 66 -46.35 -0.90 -8.43
CA GLY B 66 -46.42 -0.49 -7.04
C GLY B 66 -46.60 -1.64 -6.07
N TYR B 67 -46.08 -1.46 -4.86
CA TYR B 67 -46.30 -2.44 -3.79
C TYR B 67 -47.77 -2.51 -3.44
N ASN B 68 -48.18 -3.68 -2.94
CA ASN B 68 -49.51 -3.85 -2.33
C ASN B 68 -50.61 -3.42 -3.29
N ARG B 69 -50.54 -3.94 -4.51
CA ARG B 69 -51.50 -3.62 -5.55
C ARG B 69 -52.02 -4.89 -6.19
N ARG B 70 -53.25 -4.83 -6.69
CA ARG B 70 -53.84 -5.87 -7.52
C ARG B 70 -54.01 -5.30 -8.92
N TYR B 71 -53.41 -5.94 -9.90
CA TYR B 71 -53.39 -5.45 -11.27
C TYR B 71 -54.20 -6.38 -12.17
N THR B 72 -55.03 -5.79 -13.02
CA THR B 72 -55.86 -6.53 -13.97
C THR B 72 -55.36 -6.24 -15.38
N LEU B 73 -55.01 -7.30 -16.11
CA LEU B 73 -54.39 -7.21 -17.43
C LEU B 73 -55.35 -7.78 -18.46
N ASN B 74 -55.68 -6.99 -19.47
CA ASN B 74 -56.53 -7.42 -20.58
C ASN B 74 -55.76 -7.27 -21.89
N ALA B 75 -55.79 -8.31 -22.71
CA ALA B 75 -55.07 -8.32 -23.97
C ALA B 75 -55.89 -9.01 -25.04
N THR B 76 -55.86 -8.44 -26.24
CA THR B 76 -56.52 -9.01 -27.41
C THR B 76 -55.49 -9.20 -28.52
N ALA B 77 -55.57 -10.33 -29.22
CA ALA B 77 -54.66 -10.65 -30.29
C ALA B 77 -55.43 -11.09 -31.53
N LEU B 78 -54.84 -10.87 -32.69
CA LEU B 78 -55.46 -11.19 -33.98
C LEU B 78 -54.47 -11.94 -34.85
N GLY B 79 -54.99 -12.93 -35.58
CA GLY B 79 -54.16 -13.73 -36.48
C GLY B 79 -54.99 -14.29 -37.61
N LEU B 80 -54.30 -14.98 -38.52
CA LEU B 80 -54.97 -15.59 -39.66
C LEU B 80 -56.07 -16.53 -39.21
N GLY B 81 -55.84 -17.28 -38.14
CA GLY B 81 -56.87 -18.18 -37.64
C GLY B 81 -58.06 -17.43 -37.06
N GLY B 82 -57.80 -16.36 -36.33
CA GLY B 82 -58.87 -15.58 -35.73
C GLY B 82 -58.33 -14.75 -34.59
N ALA B 83 -59.26 -14.34 -33.72
CA ALA B 83 -58.93 -13.49 -32.58
C ALA B 83 -58.68 -14.34 -31.33
N ALA B 84 -58.13 -13.69 -30.31
CA ALA B 84 -57.92 -14.31 -29.02
C ALA B 84 -57.81 -13.21 -27.98
N THR B 85 -58.48 -13.41 -26.84
CA THR B 85 -58.50 -12.44 -25.76
C THR B 85 -58.21 -13.15 -24.45
N ARG B 86 -57.65 -12.39 -23.50
CA ARG B 86 -57.29 -12.96 -22.22
C ARG B 86 -57.35 -11.89 -21.14
N GLN B 87 -57.69 -12.31 -19.93
CA GLN B 87 -57.73 -11.44 -18.77
C GLN B 87 -57.00 -12.11 -17.61
N LEU B 88 -56.00 -11.41 -17.07
CA LEU B 88 -55.23 -11.90 -15.94
C LEU B 88 -55.38 -10.95 -14.76
N THR B 89 -55.21 -11.50 -13.55
CA THR B 89 -55.16 -10.71 -12.33
C THR B 89 -54.00 -11.24 -11.49
N PHE B 90 -53.20 -10.33 -10.96
CA PHE B 90 -52.11 -10.70 -10.07
C PHE B 90 -51.97 -9.64 -8.99
N GLN B 91 -51.39 -10.06 -7.86
CA GLN B 91 -51.16 -9.22 -6.70
C GLN B 91 -49.67 -9.07 -6.47
N THR B 92 -49.23 -7.85 -6.19
CA THR B 92 -47.82 -7.58 -6.01
C THR B 92 -47.41 -7.73 -4.55
N SER B 93 -46.10 -7.74 -4.32
CA SER B 93 -45.57 -7.88 -2.97
C SER B 93 -46.20 -6.87 -2.03
N SER B 94 -46.47 -7.31 -0.80
CA SER B 94 -47.02 -6.46 0.26
C SER B 94 -45.99 -6.39 1.38
N PRO B 95 -45.09 -5.42 1.34
CA PRO B 95 -44.02 -5.38 2.34
C PRO B 95 -44.54 -5.17 3.75
N ALA B 96 -43.89 -5.83 4.72
CA ALA B 96 -44.12 -5.51 6.12
C ALA B 96 -43.37 -4.27 6.55
N HIS B 97 -42.21 -4.02 5.94
N HIS B 97 -42.19 -4.04 5.96
CA HIS B 97 -41.40 -2.85 6.27
CA HIS B 97 -41.34 -2.90 6.27
C HIS B 97 -40.65 -2.42 5.02
C HIS B 97 -40.68 -2.41 4.98
N LEU B 98 -40.39 -1.11 4.94
CA LEU B 98 -39.62 -0.53 3.86
C LEU B 98 -38.30 0.02 4.38
N THR B 99 -37.28 0.02 3.53
CA THR B 99 -35.97 0.58 3.89
C THR B 99 -35.38 1.32 2.70
N MET B 100 -34.79 2.48 2.98
CA MET B 100 -34.20 3.29 1.92
C MET B 100 -32.69 3.16 1.97
N PRO B 101 -32.02 2.93 0.84
CA PRO B 101 -30.56 2.94 0.83
C PRO B 101 -30.01 4.34 0.62
N TYR B 102 -28.82 4.57 1.16
CA TYR B 102 -28.08 5.80 0.97
C TYR B 102 -26.66 5.42 0.57
N VAL B 103 -26.16 6.06 -0.49
CA VAL B 103 -24.90 5.67 -1.10
C VAL B 103 -23.90 6.81 -0.99
N MET B 104 -22.68 6.49 -0.60
CA MET B 104 -21.53 7.38 -0.61
C MET B 104 -20.40 6.70 -1.37
N PRO B 105 -19.53 7.48 -2.03
CA PRO B 105 -19.53 8.95 -2.14
C PRO B 105 -20.60 9.49 -3.08
N GLY B 106 -20.73 10.82 -3.14
CA GLY B 106 -21.77 11.43 -3.94
C GLY B 106 -21.52 11.31 -5.43
N ASP B 107 -22.57 11.58 -6.19
CA ASP B 107 -22.53 11.42 -7.64
C ASP B 107 -21.65 12.52 -8.25
N GLY B 108 -20.79 12.12 -9.18
CA GLY B 108 -19.90 13.03 -9.84
C GLY B 108 -18.64 13.39 -9.06
N GLU B 109 -18.52 12.93 -7.83
CA GLU B 109 -17.40 13.33 -6.98
C GLU B 109 -16.11 12.65 -7.43
N VAL B 110 -15.00 13.30 -7.09
CA VAL B 110 -13.66 12.77 -7.33
C VAL B 110 -13.06 12.43 -5.98
N VAL B 111 -12.87 11.13 -5.73
CA VAL B 111 -12.45 10.64 -4.42
C VAL B 111 -11.09 9.99 -4.55
N GLY B 112 -10.45 9.77 -3.40
CA GLY B 112 -9.10 9.25 -3.36
C GLY B 112 -9.05 7.74 -3.53
N VAL B 113 -7.83 7.21 -3.44
CA VAL B 113 -7.59 5.80 -3.72
C VAL B 113 -8.06 4.86 -2.62
N GLY B 114 -8.41 5.39 -1.46
CA GLY B 114 -8.90 4.59 -0.36
C GLY B 114 -10.40 4.57 -0.19
N GLU B 115 -11.12 5.32 -1.01
CA GLU B 115 -12.56 5.45 -0.83
C GLU B 115 -13.27 4.15 -1.16
N PRO B 116 -13.97 3.53 -0.22
CA PRO B 116 -14.82 2.37 -0.54
C PRO B 116 -16.23 2.81 -0.91
N VAL B 117 -16.90 1.93 -1.65
CA VAL B 117 -18.32 2.12 -1.94
C VAL B 117 -19.13 1.72 -0.72
N ALA B 118 -20.05 2.59 -0.31
CA ALA B 118 -20.82 2.38 0.91
C ALA B 118 -22.31 2.46 0.61
N ILE B 119 -23.04 1.42 1.01
CA ILE B 119 -24.50 1.39 0.91
C ILE B 119 -25.03 1.26 2.34
N ARG B 120 -25.72 2.30 2.82
CA ARG B 120 -26.25 2.34 4.17
C ARG B 120 -27.78 2.34 4.13
N PHE B 121 -28.38 1.40 4.84
CA PHE B 121 -29.83 1.32 4.98
C PHE B 121 -30.27 1.95 6.29
N ASP B 122 -31.53 2.39 6.33
CA ASP B 122 -32.11 2.94 7.54
C ASP B 122 -32.80 1.88 8.39
N GLU B 123 -32.69 0.61 8.02
CA GLU B 123 -33.25 -0.49 8.80
C GLU B 123 -32.30 -1.67 8.77
N ASN B 124 -32.36 -2.49 9.81
CA ASN B 124 -31.53 -3.68 9.87
C ASN B 124 -31.88 -4.62 8.73
N ILE B 125 -30.85 -5.19 8.10
CA ILE B 125 -31.00 -6.02 6.91
C ILE B 125 -30.89 -7.47 7.34
N ALA B 126 -32.01 -8.19 7.28
CA ALA B 126 -32.04 -9.58 7.73
C ALA B 126 -31.39 -10.52 6.73
N ASP B 127 -31.44 -10.18 5.43
CA ASP B 127 -30.90 -11.02 4.37
C ASP B 127 -29.80 -10.22 3.68
N ARG B 128 -28.58 -10.30 4.22
CA ARG B 128 -27.47 -9.56 3.64
C ARG B 128 -27.14 -10.05 2.24
N GLY B 129 -27.40 -11.33 1.96
CA GLY B 129 -27.15 -11.85 0.62
C GLY B 129 -28.07 -11.24 -0.42
N ALA B 130 -29.32 -10.98 -0.03
CA ALA B 130 -30.25 -10.34 -0.96
C ALA B 130 -29.82 -8.90 -1.25
N ALA B 131 -29.33 -8.19 -0.23
CA ALA B 131 -28.86 -6.83 -0.42
C ALA B 131 -27.65 -6.79 -1.34
N GLU B 132 -26.68 -7.69 -1.12
CA GLU B 132 -25.49 -7.71 -1.96
C GLU B 132 -25.83 -8.08 -3.41
N LYS B 133 -26.72 -9.05 -3.59
CA LYS B 133 -27.12 -9.45 -4.94
C LYS B 133 -27.79 -8.32 -5.71
N ALA B 134 -28.37 -7.35 -5.00
CA ALA B 134 -29.10 -6.26 -5.63
C ALA B 134 -28.21 -5.10 -6.05
N ILE B 135 -26.97 -5.07 -5.60
CA ILE B 135 -26.06 -3.95 -5.83
C ILE B 135 -25.05 -4.39 -6.89
N LYS B 136 -24.99 -3.64 -7.98
CA LYS B 136 -24.11 -3.97 -9.11
C LYS B 136 -23.05 -2.87 -9.24
N ILE B 137 -21.82 -3.20 -8.88
CA ILE B 137 -20.68 -2.28 -8.99
C ILE B 137 -19.95 -2.61 -10.30
N THR B 138 -19.78 -1.60 -11.16
CA THR B 138 -19.05 -1.75 -12.41
C THR B 138 -17.86 -0.80 -12.40
N THR B 139 -16.68 -1.30 -12.77
CA THR B 139 -15.46 -0.52 -12.72
C THR B 139 -14.78 -0.51 -14.08
N ASN B 140 -14.22 0.63 -14.45
CA ASN B 140 -13.44 0.78 -15.68
C ASN B 140 -12.16 1.55 -15.36
N PRO B 141 -10.98 0.94 -15.47
CA PRO B 141 -10.71 -0.46 -15.88
C PRO B 141 -11.26 -1.46 -14.88
N PRO B 142 -11.76 -2.60 -15.35
CA PRO B 142 -12.39 -3.56 -14.43
C PRO B 142 -11.41 -4.07 -13.39
N VAL B 143 -11.89 -4.14 -12.15
CA VAL B 143 -11.11 -4.63 -11.02
C VAL B 143 -12.05 -5.41 -10.10
N GLU B 144 -11.46 -6.31 -9.31
CA GLU B 144 -12.23 -7.16 -8.43
C GLU B 144 -12.50 -6.47 -7.11
N GLY B 145 -13.71 -6.69 -6.57
CA GLY B 145 -14.07 -6.18 -5.26
C GLY B 145 -15.03 -7.14 -4.58
N ALA B 146 -15.25 -6.88 -3.29
CA ALA B 146 -16.09 -7.75 -2.47
C ALA B 146 -16.79 -6.93 -1.41
N PHE B 147 -17.79 -7.54 -0.78
CA PHE B 147 -18.65 -6.88 0.20
C PHE B 147 -18.24 -7.22 1.62
N TYR B 148 -18.53 -6.30 2.54
CA TYR B 148 -18.33 -6.54 3.96
C TYR B 148 -19.21 -5.56 4.74
N TRP B 149 -19.74 -6.02 5.86
CA TRP B 149 -20.70 -5.26 6.65
C TRP B 149 -20.05 -4.75 7.92
N LEU B 150 -20.09 -3.42 8.11
CA LEU B 150 -19.55 -2.81 9.32
C LEU B 150 -20.51 -2.94 10.49
N ASN B 151 -21.81 -2.95 10.22
CA ASN B 151 -22.83 -3.11 11.25
C ASN B 151 -24.05 -3.76 10.59
N ASN B 152 -25.18 -3.72 11.28
CA ASN B 152 -26.39 -4.36 10.76
C ASN B 152 -27.06 -3.57 9.65
N ARG B 153 -26.58 -2.36 9.35
CA ARG B 153 -27.28 -1.47 8.43
C ARG B 153 -26.42 -0.97 7.26
N GLU B 154 -25.10 -1.10 7.32
CA GLU B 154 -24.22 -0.53 6.30
C GLU B 154 -23.26 -1.59 5.78
N VAL B 155 -23.14 -1.66 4.46
CA VAL B 155 -22.25 -2.62 3.78
C VAL B 155 -21.25 -1.83 2.94
N ARG B 156 -20.05 -2.38 2.81
CA ARG B 156 -18.96 -1.74 2.10
C ARG B 156 -18.47 -2.62 0.96
N TRP B 157 -17.85 -1.98 -0.03
CA TRP B 157 -17.35 -2.65 -1.23
C TRP B 157 -16.04 -2.00 -1.64
N ARG B 158 -14.99 -2.80 -1.84
CA ARG B 158 -13.69 -2.27 -2.20
C ARG B 158 -12.86 -3.37 -2.83
N PRO B 159 -11.82 -3.02 -3.58
CA PRO B 159 -10.90 -4.01 -4.13
C PRO B 159 -9.89 -4.47 -3.09
N GLU B 160 -8.98 -5.35 -3.52
CA GLU B 160 -7.95 -5.86 -2.61
C GLU B 160 -6.91 -4.79 -2.31
N HIS B 161 -6.48 -4.06 -3.32
CA HIS B 161 -5.50 -2.99 -3.17
C HIS B 161 -6.15 -1.64 -3.45
N PHE B 162 -5.44 -0.58 -3.08
CA PHE B 162 -5.94 0.76 -3.30
C PHE B 162 -6.33 0.96 -4.76
N TRP B 163 -7.36 1.78 -4.98
CA TRP B 163 -7.81 2.05 -6.33
C TRP B 163 -6.67 2.57 -7.20
N LYS B 164 -6.73 2.24 -8.48
CA LYS B 164 -5.83 2.86 -9.45
C LYS B 164 -6.39 4.23 -9.86
N PRO B 165 -5.56 5.27 -9.86
CA PRO B 165 -6.07 6.59 -10.28
C PRO B 165 -6.67 6.55 -11.68
N GLY B 166 -7.74 7.31 -11.87
CA GLY B 166 -8.45 7.35 -13.13
C GLY B 166 -9.51 6.29 -13.29
N THR B 167 -9.80 5.52 -12.24
CA THR B 167 -10.76 4.44 -12.32
C THR B 167 -12.19 4.99 -12.19
N ALA B 168 -13.08 4.54 -13.06
CA ALA B 168 -14.49 4.90 -13.01
C ALA B 168 -15.26 3.83 -12.26
N VAL B 169 -16.13 4.26 -11.35
CA VAL B 169 -16.92 3.36 -10.52
C VAL B 169 -18.38 3.70 -10.71
N ASP B 170 -19.20 2.66 -10.90
CA ASP B 170 -20.63 2.82 -11.13
C ASP B 170 -21.39 1.94 -10.14
N VAL B 171 -22.22 2.56 -9.30
CA VAL B 171 -22.93 1.87 -8.23
C VAL B 171 -24.43 1.93 -8.54
N ALA B 172 -25.03 0.75 -8.73
CA ALA B 172 -26.46 0.64 -8.99
C ALA B 172 -27.09 -0.18 -7.86
N VAL B 173 -27.87 0.47 -7.01
CA VAL B 173 -28.57 -0.18 -5.91
C VAL B 173 -29.99 -0.43 -6.39
N ASN B 174 -30.24 -1.64 -6.87
CA ASN B 174 -31.53 -2.00 -7.45
C ASN B 174 -32.36 -2.79 -6.44
N THR B 175 -32.71 -2.11 -5.35
CA THR B 175 -33.41 -2.75 -4.23
C THR B 175 -34.92 -2.58 -4.28
N TYR B 176 -35.45 -1.82 -5.23
CA TYR B 176 -36.89 -1.68 -5.34
C TYR B 176 -37.50 -3.00 -5.78
N GLY B 177 -38.44 -3.51 -4.98
CA GLY B 177 -39.08 -4.77 -5.28
C GLY B 177 -38.32 -5.99 -4.81
N VAL B 178 -37.28 -5.82 -4.01
CA VAL B 178 -36.44 -6.91 -3.54
C VAL B 178 -36.77 -7.18 -2.09
N ASP B 179 -37.08 -8.45 -1.78
CA ASP B 179 -37.25 -8.86 -0.39
C ASP B 179 -35.88 -8.93 0.28
N LEU B 180 -35.61 -8.01 1.20
CA LEU B 180 -34.36 -7.97 1.93
C LEU B 180 -34.45 -8.74 3.26
N GLY B 181 -35.49 -9.51 3.45
CA GLY B 181 -35.61 -10.38 4.62
C GLY B 181 -36.72 -9.93 5.56
N GLU B 182 -37.45 -10.90 6.09
CA GLU B 182 -38.50 -10.65 7.08
C GLU B 182 -39.47 -9.57 6.60
N GLY B 183 -39.87 -9.67 5.34
CA GLY B 183 -40.81 -8.71 4.79
C GLY B 183 -40.27 -7.31 4.57
N MET B 184 -38.95 -7.14 4.62
CA MET B 184 -38.32 -5.85 4.40
C MET B 184 -38.03 -5.69 2.92
N PHE B 185 -38.69 -4.73 2.27
CA PHE B 185 -38.50 -4.46 0.86
C PHE B 185 -37.89 -3.09 0.64
N GLY B 186 -37.16 -2.94 -0.46
CA GLY B 186 -36.49 -1.69 -0.73
C GLY B 186 -37.48 -0.58 -1.08
N GLU B 187 -37.22 0.60 -0.53
CA GLU B 187 -38.11 1.74 -0.78
C GLU B 187 -37.90 2.31 -2.18
N ASP B 188 -36.70 2.21 -2.73
CA ASP B 188 -36.38 2.83 -4.00
C ASP B 188 -35.05 2.27 -4.49
N ASN B 189 -34.65 2.69 -5.69
CA ASN B 189 -33.34 2.42 -6.22
C ASN B 189 -32.47 3.67 -6.10
N VAL B 190 -31.15 3.44 -6.10
CA VAL B 190 -30.17 4.53 -6.04
C VAL B 190 -29.09 4.24 -7.06
N GLN B 191 -28.70 5.26 -7.82
CA GLN B 191 -27.66 5.16 -8.85
C GLN B 191 -26.64 6.25 -8.61
N THR B 192 -25.40 5.86 -8.30
CA THR B 192 -24.32 6.79 -8.01
C THR B 192 -23.09 6.43 -8.85
N HIS B 193 -22.37 7.46 -9.31
CA HIS B 193 -21.17 7.26 -10.10
C HIS B 193 -20.10 8.25 -9.64
N PHE B 194 -18.85 7.80 -9.61
CA PHE B 194 -17.76 8.67 -9.17
C PHE B 194 -16.46 8.14 -9.77
N THR B 195 -15.39 8.93 -9.58
CA THR B 195 -14.10 8.65 -10.20
C THR B 195 -12.98 8.76 -9.16
N ILE B 196 -11.94 7.96 -9.36
CA ILE B 196 -10.77 7.96 -8.49
C ILE B 196 -9.78 8.98 -9.00
N GLY B 197 -9.27 9.81 -8.10
CA GLY B 197 -8.32 10.87 -8.43
C GLY B 197 -6.88 10.49 -8.10
N ASP B 198 -6.08 11.51 -7.81
CA ASP B 198 -4.66 11.30 -7.55
C ASP B 198 -4.46 10.40 -6.34
N GLU B 199 -3.32 9.69 -6.35
CA GLU B 199 -2.93 8.85 -5.22
C GLU B 199 -2.27 9.74 -4.16
N VAL B 200 -2.87 9.79 -2.98
CA VAL B 200 -2.42 10.66 -1.90
C VAL B 200 -2.34 9.81 -0.64
N ILE B 201 -1.12 9.44 -0.25
CA ILE B 201 -0.88 8.60 0.93
C ILE B 201 0.01 9.39 1.88
N ALA B 202 -0.49 9.64 3.08
CA ALA B 202 0.21 10.45 4.09
C ALA B 202 0.59 9.54 5.25
N THR B 203 1.89 9.31 5.42
CA THR B 203 2.40 8.39 6.42
C THR B 203 2.86 9.16 7.66
N ALA B 204 2.31 8.81 8.82
CA ALA B 204 2.76 9.33 10.10
C ALA B 204 3.55 8.23 10.80
N ASP B 205 4.86 8.44 10.93
CA ASP B 205 5.75 7.50 11.60
C ASP B 205 5.97 7.98 13.03
N ASP B 206 5.79 7.08 14.00
CA ASP B 206 5.99 7.46 15.39
C ASP B 206 7.47 7.50 15.76
N ASN B 207 8.30 6.72 15.06
CA ASN B 207 9.74 6.77 15.35
C ASN B 207 10.30 8.16 15.05
N THR B 208 9.92 8.74 13.91
CA THR B 208 10.34 10.08 13.55
C THR B 208 9.35 11.15 13.96
N LYS B 209 8.10 10.77 14.23
CA LYS B 209 7.04 11.73 14.57
C LYS B 209 6.89 12.77 13.45
N ILE B 210 7.02 12.29 12.22
CA ILE B 210 6.80 13.10 11.02
C ILE B 210 5.59 12.54 10.29
N LEU B 211 4.78 13.43 9.73
CA LEU B 211 3.67 13.06 8.86
C LEU B 211 4.02 13.49 7.45
N THR B 212 4.28 12.52 6.57
CA THR B 212 4.76 12.76 5.22
C THR B 212 3.63 12.52 4.22
N VAL B 213 3.33 13.52 3.42
CA VAL B 213 2.32 13.43 2.37
C VAL B 213 3.00 13.13 1.05
N ARG B 214 2.55 12.08 0.37
N ARG B 214 2.54 12.09 0.36
CA ARG B 214 3.08 11.69 -0.93
CA ARG B 214 3.08 11.69 -0.93
C ARG B 214 1.96 11.73 -1.95
C ARG B 214 1.96 11.73 -1.95
N VAL B 215 2.17 12.48 -3.03
CA VAL B 215 1.18 12.64 -4.09
C VAL B 215 1.73 11.96 -5.34
N ASN B 216 1.11 10.84 -5.73
CA ASN B 216 1.55 10.06 -6.88
C ASN B 216 3.00 9.61 -6.72
N GLY B 217 3.40 9.34 -5.48
CA GLY B 217 4.73 8.83 -5.19
C GLY B 217 5.77 9.87 -4.82
N GLU B 218 5.45 11.16 -4.98
CA GLU B 218 6.40 12.24 -4.72
C GLU B 218 6.14 12.83 -3.35
N VAL B 219 7.19 12.97 -2.55
CA VAL B 219 7.08 13.66 -1.26
C VAL B 219 6.86 15.15 -1.54
N VAL B 220 5.72 15.66 -1.10
CA VAL B 220 5.37 17.07 -1.33
C VAL B 220 5.26 17.86 -0.04
N LYS B 221 5.17 17.23 1.12
CA LYS B 221 5.04 17.97 2.38
C LYS B 221 5.49 17.06 3.52
N SER B 222 6.22 17.63 4.48
CA SER B 222 6.73 16.91 5.64
C SER B 222 6.38 17.71 6.89
N MET B 223 5.39 17.23 7.66
CA MET B 223 4.84 17.97 8.77
C MET B 223 5.31 17.38 10.09
N PRO B 224 6.01 18.11 10.95
CA PRO B 224 6.20 17.62 12.33
C PRO B 224 4.84 17.43 13.00
N THR B 225 4.69 16.31 13.70
CA THR B 225 3.41 15.99 14.31
C THR B 225 3.59 15.48 15.73
N SER B 226 2.58 15.76 16.56
CA SER B 226 2.47 15.24 17.91
C SER B 226 1.20 14.39 17.97
N MET B 227 1.35 13.11 18.25
CA MET B 227 0.23 12.17 18.23
C MET B 227 -0.26 11.90 19.65
N GLY B 228 -1.11 10.89 19.79
CA GLY B 228 -1.69 10.57 21.08
C GLY B 228 -0.66 10.21 22.12
N LYS B 229 -0.69 10.87 23.27
CA LYS B 229 0.18 10.51 24.38
C LYS B 229 -0.01 9.04 24.74
N ASP B 230 0.98 8.48 25.42
CA ASP B 230 1.01 7.03 25.66
C ASP B 230 -0.28 6.52 26.28
N SER B 231 -0.94 7.32 27.12
CA SER B 231 -2.13 6.85 27.80
C SER B 231 -3.32 6.78 26.85
N THR B 232 -3.40 7.72 25.90
CA THR B 232 -4.47 7.77 24.90
C THR B 232 -3.83 7.79 23.52
N PRO B 233 -3.19 6.70 23.11
CA PRO B 233 -2.35 6.73 21.91
C PRO B 233 -3.16 6.72 20.63
N THR B 234 -2.49 7.14 19.56
CA THR B 234 -3.03 7.00 18.21
C THR B 234 -2.77 5.59 17.70
N ALA B 235 -3.82 4.95 17.18
CA ALA B 235 -3.71 3.57 16.75
C ALA B 235 -2.99 3.47 15.40
N ASN B 236 -2.28 2.36 15.22
CA ASN B 236 -1.60 2.08 13.96
C ASN B 236 -2.61 1.63 12.91
N GLY B 237 -2.16 1.60 11.66
CA GLY B 237 -2.96 1.07 10.58
C GLY B 237 -3.31 2.09 9.51
N ILE B 238 -4.30 1.76 8.69
CA ILE B 238 -4.70 2.57 7.55
C ILE B 238 -5.97 3.31 7.91
N TYR B 239 -5.95 4.63 7.72
CA TYR B 239 -7.13 5.48 7.88
C TYR B 239 -7.54 6.04 6.52
N ILE B 240 -8.85 6.14 6.30
CA ILE B 240 -9.39 6.80 5.12
C ILE B 240 -9.77 8.22 5.49
N VAL B 241 -9.45 9.17 4.61
CA VAL B 241 -9.80 10.56 4.85
C VAL B 241 -11.30 10.75 4.62
N GLY B 242 -11.96 11.41 5.58
CA GLY B 242 -13.37 11.70 5.47
C GLY B 242 -13.66 13.17 5.19
N SER B 243 -14.36 13.83 6.10
CA SER B 243 -14.80 15.20 5.89
C SER B 243 -13.75 16.20 6.36
N ARG B 244 -13.84 17.41 5.79
CA ARG B 244 -12.92 18.50 6.08
C ARG B 244 -13.69 19.65 6.73
N TYR B 245 -13.14 20.22 7.79
CA TYR B 245 -13.78 21.27 8.56
C TYR B 245 -12.85 22.44 8.75
N LYS B 246 -13.38 23.66 8.59
CA LYS B 246 -12.61 24.87 8.92
C LYS B 246 -12.49 25.06 10.42
N HIS B 247 -13.49 24.60 11.18
CA HIS B 247 -13.43 24.49 12.63
C HIS B 247 -14.61 23.62 13.05
N ILE B 248 -14.40 22.79 14.06
CA ILE B 248 -15.44 21.93 14.60
C ILE B 248 -15.35 22.04 16.12
N ILE B 249 -16.40 22.55 16.75
CA ILE B 249 -16.50 22.35 18.20
C ILE B 249 -16.51 20.84 18.33
N MET B 250 -15.46 20.28 18.89
CA MET B 250 -15.18 18.86 18.78
C MET B 250 -15.31 18.24 20.16
N ASP B 251 -16.36 17.45 20.35
CA ASP B 251 -16.85 17.04 21.67
C ASP B 251 -16.53 15.57 21.90
N SER B 252 -15.79 15.29 22.97
CA SER B 252 -15.42 13.91 23.25
C SER B 252 -16.64 13.03 23.51
N SER B 253 -17.74 13.62 24.00
CA SER B 253 -18.94 12.84 24.25
C SER B 253 -19.46 12.18 22.97
N THR B 254 -19.21 12.81 21.81
CA THR B 254 -19.60 12.20 20.55
C THR B 254 -19.01 10.81 20.39
N TYR B 255 -17.83 10.57 20.97
CA TYR B 255 -17.13 9.29 20.83
C TYR B 255 -17.21 8.46 22.11
N GLY B 256 -18.24 8.69 22.92
CA GLY B 256 -18.53 7.84 24.06
C GLY B 256 -17.82 8.20 25.34
N VAL B 257 -17.01 9.24 25.36
CA VAL B 257 -16.20 9.60 26.51
C VAL B 257 -16.78 10.88 27.11
N PRO B 258 -17.20 10.88 28.38
CA PRO B 258 -17.71 12.11 28.99
C PRO B 258 -16.64 13.20 28.99
N VAL B 259 -17.08 14.44 28.86
CA VAL B 259 -16.14 15.55 28.83
C VAL B 259 -15.46 15.73 30.20
N ASN B 260 -16.17 15.43 31.28
CA ASN B 260 -15.64 15.64 32.61
C ASN B 260 -14.75 14.51 33.09
N SER B 261 -14.65 13.42 32.34
CA SER B 261 -13.80 12.30 32.72
C SER B 261 -12.34 12.63 32.48
N PRO B 262 -11.42 11.80 32.99
CA PRO B 262 -9.99 12.11 32.82
C PRO B 262 -9.58 12.30 31.36
N ASN B 263 -10.15 11.52 30.44
CA ASN B 263 -9.79 11.59 29.03
C ASN B 263 -10.81 12.37 28.20
N GLY B 264 -11.62 13.22 28.84
CA GLY B 264 -12.61 14.01 28.14
C GLY B 264 -12.17 15.45 27.94
N TYR B 265 -12.89 16.16 27.08
CA TYR B 265 -12.48 17.49 26.68
C TYR B 265 -13.56 18.12 25.80
N ARG B 266 -13.46 19.44 25.66
CA ARG B 266 -14.28 20.20 24.72
C ARG B 266 -13.41 21.36 24.22
N THR B 267 -12.97 21.29 22.97
CA THR B 267 -12.14 22.33 22.41
C THR B 267 -12.52 22.60 20.96
N ASP B 268 -12.23 23.82 20.51
CA ASP B 268 -12.50 24.25 19.15
C ASP B 268 -11.19 24.25 18.38
N VAL B 269 -11.13 23.46 17.30
CA VAL B 269 -9.91 23.29 16.51
C VAL B 269 -10.19 23.73 15.08
N ASP B 270 -9.17 24.28 14.44
CA ASP B 270 -9.26 24.77 13.07
C ASP B 270 -8.65 23.77 12.09
N TRP B 271 -9.11 23.85 10.84
CA TRP B 271 -8.61 23.02 9.74
C TRP B 271 -8.50 21.55 10.15
N ALA B 272 -9.66 20.97 10.42
CA ALA B 272 -9.74 19.60 10.91
C ALA B 272 -10.18 18.66 9.81
N THR B 273 -9.39 17.62 9.57
CA THR B 273 -9.70 16.58 8.60
C THR B 273 -9.88 15.26 9.33
N GLN B 274 -11.08 14.69 9.24
CA GLN B 274 -11.40 13.45 9.94
C GLN B 274 -10.82 12.26 9.21
N ILE B 275 -10.24 11.33 9.98
CA ILE B 275 -9.71 10.09 9.41
C ILE B 275 -10.22 8.85 10.13
N SER B 276 -11.03 8.99 11.18
CA SER B 276 -11.70 7.83 11.76
C SER B 276 -12.97 8.31 12.46
N TYR B 277 -13.96 7.41 12.53
CA TYR B 277 -15.18 7.72 13.26
C TYR B 277 -14.91 7.81 14.75
N SER B 278 -13.89 7.11 15.24
CA SER B 278 -13.54 7.12 16.66
C SER B 278 -12.98 8.45 17.13
N GLY B 279 -12.83 9.42 16.24
CA GLY B 279 -12.45 10.76 16.62
C GLY B 279 -11.04 11.18 16.29
N VAL B 280 -10.30 10.39 15.50
CA VAL B 280 -8.94 10.76 15.12
C VAL B 280 -9.01 11.80 14.02
N PHE B 281 -8.35 12.94 14.23
CA PHE B 281 -8.34 14.04 13.29
C PHE B 281 -6.92 14.47 12.98
N VAL B 282 -6.76 15.15 11.85
CA VAL B 282 -5.60 15.97 11.55
C VAL B 282 -6.07 17.42 11.62
N HIS B 283 -5.43 18.22 12.47
CA HIS B 283 -5.94 19.56 12.71
C HIS B 283 -4.84 20.48 13.21
N SER B 284 -5.14 21.78 13.15
CA SER B 284 -4.23 22.79 13.64
C SER B 284 -4.10 22.69 15.15
N ALA B 285 -2.87 22.69 15.65
CA ALA B 285 -2.59 22.60 17.08
C ALA B 285 -1.51 23.59 17.44
N PRO B 286 -1.88 24.86 17.63
CA PRO B 286 -0.87 25.87 18.03
C PRO B 286 -0.23 25.57 19.39
N TRP B 287 -0.93 24.87 20.27
CA TRP B 287 -0.45 24.67 21.64
C TRP B 287 0.61 23.58 21.75
N SER B 288 0.85 22.80 20.68
CA SER B 288 1.82 21.72 20.72
C SER B 288 2.89 21.86 19.63
N VAL B 289 3.06 23.06 19.10
CA VAL B 289 4.11 23.28 18.11
C VAL B 289 5.46 22.84 18.65
N GLY B 290 5.73 23.14 19.92
CA GLY B 290 7.00 22.75 20.51
C GLY B 290 7.18 21.24 20.56
N ALA B 291 6.12 20.52 20.94
CA ALA B 291 6.20 19.07 21.05
C ALA B 291 6.13 18.36 19.71
N GLN B 292 5.55 18.99 18.69
CA GLN B 292 5.41 18.35 17.39
C GLN B 292 6.78 18.02 16.82
N GLY B 293 6.94 16.76 16.40
CA GLY B 293 8.24 16.27 15.97
C GLY B 293 9.13 15.79 17.08
N HIS B 294 8.61 15.66 18.30
CA HIS B 294 9.42 15.25 19.44
C HIS B 294 8.67 14.30 20.36
N THR B 295 7.52 14.74 20.88
CA THR B 295 6.78 13.95 21.86
C THR B 295 5.29 13.99 21.53
N ASN B 296 4.58 13.01 22.08
CA ASN B 296 3.13 12.89 21.88
C ASN B 296 2.41 13.49 23.09
N THR B 297 1.41 14.33 22.82
CA THR B 297 0.67 15.02 23.87
C THR B 297 -0.83 15.03 23.67
N SER B 298 -1.34 14.47 22.57
CA SER B 298 -2.73 14.64 22.20
C SER B 298 -3.59 13.54 22.81
N HIS B 299 -4.90 13.62 22.57
CA HIS B 299 -5.84 12.58 22.94
C HIS B 299 -5.98 11.50 21.89
N GLY B 300 -5.22 11.58 20.80
CA GLY B 300 -5.30 10.61 19.72
C GLY B 300 -5.20 11.28 18.37
N QCS B 301 -5.55 12.56 18.33
CA QCS B 301 -5.52 13.31 17.08
CB QCS B 301 -6.14 14.69 17.32
SG QCS B 301 -7.95 14.58 17.30
CD QCS B 301 -8.57 14.65 19.02
NE2 QCS B 301 -9.98 14.44 19.29
OE1 QCS B 301 -7.82 14.87 19.91
C QCS B 301 -4.08 13.51 16.62
O QCS B 301 -3.18 13.37 17.37
N LEU B 302 -3.92 13.82 15.34
CA LEU B 302 -2.61 14.16 14.79
C LEU B 302 -2.42 15.67 14.84
N ASN B 303 -1.68 16.13 15.85
CA ASN B 303 -1.42 17.56 16.00
C ASN B 303 -0.33 18.00 15.03
N VAL B 304 -0.63 19.03 14.24
CA VAL B 304 0.33 19.65 13.35
C VAL B 304 0.14 21.17 13.44
N SER B 305 1.00 21.90 12.74
CA SER B 305 0.96 23.35 12.80
C SER B 305 -0.26 23.87 12.05
N PRO B 306 -0.65 25.12 12.30
CA PRO B 306 -1.79 25.69 11.56
C PRO B 306 -1.59 25.68 10.05
N SER B 307 -0.41 26.10 9.58
CA SER B 307 -0.19 26.13 8.14
C SER B 307 -0.15 24.72 7.55
N ASN B 308 0.40 23.76 8.29
CA ASN B 308 0.38 22.38 7.82
C ASN B 308 -1.02 21.79 7.87
N ALA B 309 -1.82 22.20 8.86
CA ALA B 309 -3.21 21.76 8.91
C ALA B 309 -4.00 22.30 7.73
N GLN B 310 -3.95 23.61 7.51
CA GLN B 310 -4.66 24.19 6.37
C GLN B 310 -4.15 23.62 5.05
N TRP B 311 -2.84 23.39 4.95
CA TRP B 311 -2.30 22.74 3.76
C TRP B 311 -2.92 21.35 3.57
N PHE B 312 -3.07 20.60 4.67
CA PHE B 312 -3.70 19.30 4.60
C PHE B 312 -5.17 19.43 4.19
N TYR B 313 -5.88 20.40 4.78
CA TYR B 313 -7.25 20.66 4.40
C TYR B 313 -7.36 21.00 2.91
N ASP B 314 -6.42 21.78 2.39
CA ASP B 314 -6.53 22.25 1.02
C ASP B 314 -6.21 21.15 0.02
N HIS B 315 -5.23 20.30 0.33
CA HIS B 315 -4.64 19.41 -0.66
C HIS B 315 -5.04 17.95 -0.51
N VAL B 316 -5.89 17.61 0.46
CA VAL B 316 -6.30 16.24 0.70
C VAL B 316 -7.82 16.15 0.52
N LYS B 317 -8.26 15.11 -0.18
CA LYS B 317 -9.65 14.94 -0.54
C LYS B 317 -10.24 13.70 0.14
N ARG B 318 -11.57 13.64 0.14
CA ARG B 318 -12.30 12.48 0.63
C ARG B 318 -11.81 11.22 -0.08
N GLY B 319 -11.36 10.25 0.70
CA GLY B 319 -10.85 9.01 0.15
C GLY B 319 -9.34 8.87 0.10
N ASP B 320 -8.60 9.92 0.46
CA ASP B 320 -7.15 9.78 0.57
C ASP B 320 -6.80 8.99 1.83
N ILE B 321 -5.54 8.58 1.91
CA ILE B 321 -5.09 7.61 2.90
C ILE B 321 -4.12 8.26 3.88
N VAL B 322 -4.28 7.94 5.16
CA VAL B 322 -3.32 8.27 6.20
C VAL B 322 -2.91 6.96 6.87
N GLU B 323 -1.60 6.69 6.88
CA GLU B 323 -1.06 5.47 7.47
C GLU B 323 -0.25 5.82 8.71
N VAL B 324 -0.54 5.14 9.81
CA VAL B 324 0.13 5.35 11.09
C VAL B 324 0.87 4.07 11.45
N VAL B 325 2.16 4.21 11.79
CA VAL B 325 3.01 3.08 12.11
C VAL B 325 3.85 3.39 13.34
N ASN B 326 4.28 2.32 14.02
CA ASN B 326 5.25 2.36 15.10
C ASN B 326 4.75 3.10 16.34
N THR B 327 3.44 3.28 16.48
CA THR B 327 2.91 3.88 17.70
C THR B 327 2.78 2.83 18.80
N VAL B 328 2.57 3.30 20.03
CA VAL B 328 2.36 2.39 21.16
C VAL B 328 0.92 1.93 21.29
N GLY B 329 0.05 2.34 20.36
CA GLY B 329 -1.32 1.89 20.36
C GLY B 329 -1.49 0.56 19.65
N GLY B 330 -2.75 0.20 19.42
CA GLY B 330 -3.09 -1.00 18.68
C GLY B 330 -3.26 -0.71 17.21
N THR B 331 -4.14 -1.48 16.57
CA THR B 331 -4.51 -1.28 15.18
C THR B 331 -5.94 -0.76 15.13
N LEU B 332 -6.16 0.24 14.29
CA LEU B 332 -7.48 0.85 14.17
C LEU B 332 -8.51 -0.23 13.84
N PRO B 333 -9.62 -0.31 14.58
CA PRO B 333 -10.66 -1.28 14.24
C PRO B 333 -11.06 -1.21 12.77
N GLY B 334 -11.15 -2.38 12.14
CA GLY B 334 -11.54 -2.43 10.74
C GLY B 334 -12.95 -1.95 10.48
N ILE B 335 -13.83 -2.06 11.47
CA ILE B 335 -15.23 -1.66 11.30
C ILE B 335 -15.48 -0.27 11.89
N ASP B 336 -14.43 0.57 11.97
CA ASP B 336 -14.59 1.94 12.45
C ASP B 336 -15.52 2.74 11.56
N GLY B 337 -15.58 2.42 10.29
CA GLY B 337 -16.23 3.25 9.32
C GLY B 337 -15.27 3.91 8.37
N LEU B 338 -14.00 4.05 8.76
CA LEU B 338 -12.96 4.56 7.87
C LEU B 338 -11.69 3.70 7.95
N GLY B 339 -11.80 2.51 8.52
CA GLY B 339 -10.65 1.63 8.66
C GLY B 339 -10.82 0.34 7.88
N ASP B 340 -11.55 0.40 6.77
CA ASP B 340 -11.86 -0.81 6.02
C ASP B 340 -10.60 -1.57 5.62
N TRP B 341 -9.52 -0.85 5.33
CA TRP B 341 -8.31 -1.49 4.81
C TRP B 341 -7.54 -2.25 5.89
N ASN B 342 -7.85 -2.03 7.17
CA ASN B 342 -7.19 -2.80 8.23
C ASN B 342 -7.68 -4.23 8.30
N ILE B 343 -8.78 -4.57 7.62
CA ILE B 343 -9.25 -5.95 7.52
C ILE B 343 -8.48 -6.63 6.39
N PRO B 344 -7.80 -7.75 6.64
CA PRO B 344 -7.05 -8.39 5.55
C PRO B 344 -7.98 -8.88 4.46
N TRP B 345 -7.44 -8.98 3.24
CA TRP B 345 -8.28 -9.20 2.07
C TRP B 345 -9.08 -10.49 2.18
N ASP B 346 -8.47 -11.55 2.71
CA ASP B 346 -9.17 -12.83 2.80
C ASP B 346 -10.41 -12.71 3.70
N GLN B 347 -10.28 -12.04 4.84
CA GLN B 347 -11.42 -11.85 5.72
C GLN B 347 -12.46 -10.94 5.09
N TRP B 348 -12.02 -9.84 4.48
CA TRP B 348 -12.94 -8.96 3.78
C TRP B 348 -13.69 -9.70 2.67
N ARG B 349 -12.94 -10.43 1.84
CA ARG B 349 -13.56 -11.13 0.71
C ARG B 349 -14.56 -12.17 1.20
N ALA B 350 -14.15 -13.01 2.16
CA ALA B 350 -15.05 -14.03 2.68
C ALA B 350 -16.38 -13.42 3.11
N GLY B 351 -16.31 -12.34 3.90
CA GLY B 351 -17.50 -11.58 4.23
C GLY B 351 -18.23 -12.10 5.46
N ASN B 352 -19.26 -11.34 5.83
CA ASN B 352 -20.12 -11.65 6.97
C ASN B 352 -21.58 -11.64 6.56
N ALA B 353 -21.86 -11.96 5.29
CA ALA B 353 -23.24 -11.98 4.82
C ALA B 353 -24.05 -13.08 5.50
N LYS B 354 -23.38 -14.15 5.94
CA LYS B 354 -24.07 -15.22 6.66
C LYS B 354 -25.15 -15.85 5.78
N NO3 C . 48.95 5.84 -9.86
O1 NO3 C . 47.85 5.73 -9.26
O2 NO3 C . 50.04 5.81 -9.22
O3 NO3 C . 48.97 5.98 -11.12
S DMS D . 27.87 0.42 0.18
O DMS D . 28.30 -0.78 -0.62
C1 DMS D . 29.28 1.54 0.39
C2 DMS D . 27.62 -0.08 1.90
S DMS E . 26.11 -12.24 14.43
O DMS E . 26.27 -10.76 14.57
C1 DMS E . 27.69 -13.10 14.67
C2 DMS E . 25.15 -12.89 15.83
NA NA F . 1.67 -24.94 -12.64
S DMS G . -3.49 -1.88 0.25
O DMS G . -3.65 -3.36 0.23
C1 DMS G . -2.36 -1.38 -1.09
C2 DMS G . -2.52 -1.39 1.70
S DMS H . -10.85 17.05 32.84
O DMS H . -11.87 17.00 31.75
C1 DMS H . -9.54 15.83 32.49
C2 DMS H . -11.54 16.34 34.36
N NO3 I . -5.68 21.46 24.29
O1 NO3 I . -5.40 22.65 24.58
O2 NO3 I . -6.85 21.01 24.52
O3 NO3 I . -4.80 20.70 23.79
S DMS J . -18.03 5.85 3.07
O DMS J . -17.83 5.78 1.59
C1 DMS J . -16.41 6.08 3.87
C2 DMS J . -18.81 7.42 3.51
S DMS K . -19.84 -8.62 -6.31
O DMS K . -20.80 -9.43 -7.12
C1 DMS K . -19.14 -7.31 -7.35
C2 DMS K . -18.34 -9.60 -5.98
NA NA L . -49.60 2.15 -10.39
CL CL M . -54.25 5.32 -7.40
#